data_8ZHS
#
_entry.id   8ZHS
#
_cell.length_a   104.175
_cell.length_b   253.874
_cell.length_c   56.320
_cell.angle_alpha   90.000
_cell.angle_beta   90.000
_cell.angle_gamma   90.000
#
_symmetry.space_group_name_H-M   'P 21 21 2'
#
loop_
_entity.id
_entity.type
_entity.pdbx_description
1 polymer 'Maltose/maltodextrin-binding periplasmic protein,N-terminal Bte1'
2 polymer 'C-terminal Bte1'
3 non-polymer GLYCEROL
4 water water
#
loop_
_entity_poly.entity_id
_entity_poly.type
_entity_poly.pdbx_seq_one_letter_code
_entity_poly.pdbx_strand_id
1 'polypeptide(L)'
;MKIEEGKLVIWINGDKGYNGLAEVGKKFEKDTGIKVTVEHPDKLEEKFPQVAATGDGPDIIFWAHDRFGGYAQSGLLAEI
TPAAAFQDKLYPFTWDAVRYNGKLIAYPIAVEALSLIYNKDLLPNPPKTWEEIPALDKELKAKGKSALMFNLQEPYFTWP
LIAADGGYAFKYAAGKYDIKDVGVDNAGAKAGLTFLVDLIKNKHMNADTDYSIAEAAFNKGETAMTINGPWAWSNIDTSA
VNYGVTVLPTFKGQPSKPFVGVLSAGINAASPNKELAKEFLENYLLTDEGLEAVNKDKPLGAVALKSYEEELAKDPRIAA
TMENAQKGEIMPNIPQMSAFWYAVRTAVINAASGRQTVDEALKDAQTAARAFAAAGKEIEIKKLPEFEAMVNAGNTTYTG
LVEGIGYVYWTTETLYFIRTNPEQLWAIPKYQQIPFPYFQRKDAIIETKTLHTLHVLSKDELLKLDYDAYYAFYGIVEEM
LKFIHRADAIKSYCEIPLPIIKSK
;
A,B
2 'polypeptide(L)'
;IGDGLSLISIIDEVGNGEYWSAAGDILLFAAGKTKLSPYMTVISLGTWMYETDLMQWRLACINYSDYKKTLIKYRELQKK
FESGDKSVEEKMNECHKILNSHYIEMQKNLGNL
;
C,D
#
# COMPACT_ATOMS: atom_id res chain seq x y z
N MET A 1 26.66 18.81 2.17
CA MET A 1 27.19 17.67 1.39
C MET A 1 26.14 16.57 1.36
N LYS A 2 25.93 16.01 0.17
CA LYS A 2 25.02 14.87 -0.01
C LYS A 2 25.90 13.61 -0.03
N ILE A 3 25.27 12.46 0.11
CA ILE A 3 26.05 11.21 0.07
C ILE A 3 26.69 11.09 -1.32
N GLU A 4 27.97 10.75 -1.37
CA GLU A 4 28.68 10.58 -2.63
C GLU A 4 29.65 9.44 -2.43
N GLU A 5 29.74 8.52 -3.38
CA GLU A 5 30.55 7.32 -3.21
C GLU A 5 32.01 7.71 -3.07
N GLY A 6 32.70 7.14 -2.09
CA GLY A 6 34.12 7.37 -1.90
C GLY A 6 34.46 8.42 -0.85
N LYS A 7 33.45 8.99 -0.20
CA LYS A 7 33.62 10.02 0.82
C LYS A 7 32.57 9.80 1.91
N LEU A 8 32.76 10.49 3.03
CA LEU A 8 31.86 10.35 4.18
C LEU A 8 31.29 11.69 4.59
N VAL A 9 29.98 11.74 4.81
CA VAL A 9 29.31 12.88 5.42
C VAL A 9 28.75 12.42 6.76
N ILE A 10 29.02 13.18 7.82
CA ILE A 10 28.57 12.84 9.16
C ILE A 10 27.68 13.95 9.69
N TRP A 11 26.53 13.57 10.25
CA TRP A 11 25.69 14.49 11.01
C TRP A 11 25.83 14.22 12.51
N ILE A 12 26.11 15.27 13.27
CA ILE A 12 26.21 15.22 14.72
C ILE A 12 25.64 16.53 15.26
N ASN A 13 25.10 16.50 16.49
CA ASN A 13 24.43 17.67 17.02
C ASN A 13 25.43 18.80 17.26
N GLY A 14 24.93 20.03 17.16
CA GLY A 14 25.80 21.19 17.31
C GLY A 14 26.42 21.32 18.68
N ASP A 15 25.84 20.71 19.71
CA ASP A 15 26.38 20.83 21.06
C ASP A 15 27.45 19.79 21.37
N LYS A 16 27.84 18.98 20.38
CA LYS A 16 28.87 17.97 20.53
C LYS A 16 30.20 18.45 19.96
N GLY A 17 31.26 17.69 20.22
CA GLY A 17 32.61 18.06 19.82
C GLY A 17 32.92 17.78 18.36
N TYR A 18 32.14 18.45 17.48
CA TYR A 18 32.20 18.29 16.00
C TYR A 18 33.56 18.69 15.45
N ASN A 19 34.15 19.76 15.96
CA ASN A 19 35.50 20.14 15.55
C ASN A 19 36.49 19.01 15.83
N GLY A 20 36.40 18.42 17.03
CA GLY A 20 37.24 17.28 17.36
C GLY A 20 36.97 16.10 16.45
N LEU A 21 35.70 15.86 16.13
CA LEU A 21 35.37 14.81 15.17
C LEU A 21 35.91 15.16 13.78
N ALA A 22 35.99 16.44 13.45
CA ALA A 22 36.55 16.83 12.16
C ALA A 22 38.02 16.46 12.08
N GLU A 23 38.77 16.65 13.18
CA GLU A 23 40.18 16.25 13.20
C GLU A 23 40.32 14.77 12.97
N VAL A 24 39.44 13.97 13.58
CA VAL A 24 39.47 12.53 13.37
C VAL A 24 39.21 12.21 11.90
N GLY A 25 38.33 12.98 11.24
CA GLY A 25 38.09 12.76 9.83
C GLY A 25 39.28 13.13 8.98
N LYS A 26 40.04 14.15 9.42
CA LYS A 26 41.23 14.56 8.69
C LYS A 26 42.35 13.53 8.78
N LYS A 27 42.56 12.91 9.95
CA LYS A 27 43.46 11.77 10.07
C LYS A 27 43.02 10.60 9.19
N PHE A 28 41.71 10.41 9.07
CA PHE A 28 41.19 9.35 8.21
C PHE A 28 41.49 9.66 6.76
N GLU A 29 41.42 10.94 6.38
CA GLU A 29 41.75 11.32 5.02
C GLU A 29 43.24 11.12 4.77
N LYS A 30 44.07 11.63 5.67
CA LYS A 30 45.51 11.58 5.48
C LYS A 30 45.98 10.14 5.39
N ASP A 31 45.35 9.23 6.13
CA ASP A 31 45.77 7.84 6.07
C ASP A 31 45.16 7.08 4.90
N THR A 32 43.95 7.43 4.46
CA THR A 32 43.24 6.61 3.50
C THR A 32 42.78 7.34 2.25
N GLY A 33 42.84 8.67 2.23
CA GLY A 33 42.37 9.43 1.09
C GLY A 33 40.89 9.74 1.08
N ILE A 34 40.11 9.21 2.01
CA ILE A 34 38.66 9.41 2.02
C ILE A 34 38.35 10.72 2.75
N LYS A 35 37.74 11.65 2.03
CA LYS A 35 37.33 12.90 2.62
C LYS A 35 36.19 12.66 3.60
N VAL A 36 36.26 13.32 4.74
CA VAL A 36 35.23 13.22 5.76
C VAL A 36 34.71 14.63 6.02
N THR A 37 33.41 14.81 5.88
CA THR A 37 32.75 16.09 6.06
C THR A 37 31.82 16.00 7.26
N VAL A 38 32.06 16.83 8.27
CA VAL A 38 31.29 16.79 9.50
C VAL A 38 30.31 17.96 9.50
N GLU A 39 29.02 17.67 9.53
CA GLU A 39 27.98 18.68 9.52
C GLU A 39 27.16 18.58 10.80
N HIS A 40 26.64 19.73 11.26
CA HIS A 40 25.75 19.77 12.40
C HIS A 40 24.48 20.52 12.03
N PRO A 41 23.64 19.93 11.20
CA PRO A 41 22.41 20.60 10.76
C PRO A 41 21.46 20.85 11.92
N ASP A 42 20.66 21.91 11.76
CA ASP A 42 19.52 22.13 12.63
C ASP A 42 18.51 21.00 12.46
N LYS A 43 17.89 20.59 13.58
CA LYS A 43 16.78 19.62 13.55
C LYS A 43 17.16 18.37 12.77
N LEU A 44 18.39 17.87 13.03
CA LEU A 44 18.91 16.77 12.23
C LEU A 44 18.24 15.45 12.56
N GLU A 45 17.73 15.30 13.78
CA GLU A 45 17.07 14.04 14.12
C GLU A 45 15.70 13.92 13.48
N GLU A 46 15.08 15.04 13.11
CA GLU A 46 13.82 14.93 12.38
C GLU A 46 14.01 15.01 10.87
N LYS A 47 15.04 15.73 10.41
CA LYS A 47 15.38 15.72 8.99
C LYS A 47 15.73 14.31 8.53
N PHE A 48 16.48 13.57 9.35
CA PHE A 48 17.01 12.28 8.93
C PHE A 48 15.93 11.32 8.44
N PRO A 49 14.88 11.02 9.23
CA PRO A 49 13.85 10.11 8.70
C PRO A 49 13.12 10.65 7.49
N GLN A 50 13.04 11.97 7.34
CA GLN A 50 12.35 12.54 6.18
C GLN A 50 13.15 12.36 4.91
N VAL A 51 14.47 12.54 4.97
CA VAL A 51 15.32 12.52 3.78
C VAL A 51 16.06 11.20 3.59
N ALA A 52 16.25 10.40 4.65
CA ALA A 52 16.98 9.14 4.48
C ALA A 52 16.24 8.23 3.50
N ALA A 53 14.91 8.27 3.54
CA ALA A 53 14.13 7.50 2.57
C ALA A 53 14.44 7.92 1.14
N THR A 54 14.64 9.22 0.91
CA THR A 54 14.94 9.72 -0.44
C THR A 54 16.43 9.73 -0.73
N GLY A 55 17.23 9.08 0.10
CA GLY A 55 18.65 8.98 -0.16
C GLY A 55 19.43 10.28 -0.06
N ASP A 56 18.91 11.29 0.63
CA ASP A 56 19.71 12.51 0.82
C ASP A 56 20.16 12.73 2.25
N GLY A 57 20.27 11.67 3.06
CA GLY A 57 20.76 11.80 4.40
C GLY A 57 22.28 11.69 4.47
N PRO A 58 22.83 11.60 5.68
CA PRO A 58 24.28 11.42 5.83
C PRO A 58 24.67 9.96 5.71
N ASP A 59 25.98 9.72 5.64
CA ASP A 59 26.50 8.37 5.79
C ASP A 59 26.34 7.89 7.22
N ILE A 60 26.67 8.76 8.19
CA ILE A 60 26.67 8.46 9.61
C ILE A 60 25.87 9.52 10.34
N ILE A 61 25.10 9.11 11.34
CA ILE A 61 24.32 10.03 12.15
C ILE A 61 24.60 9.75 13.63
N PHE A 62 24.91 10.80 14.40
CA PHE A 62 25.06 10.65 15.83
C PHE A 62 23.79 11.14 16.51
N TRP A 63 23.26 10.34 17.44
CA TRP A 63 22.13 10.80 18.25
C TRP A 63 21.93 9.85 19.42
N ALA A 64 21.06 10.26 20.35
CA ALA A 64 20.63 9.41 21.44
C ALA A 64 20.10 8.08 20.90
N HIS A 65 20.51 6.98 21.53
CA HIS A 65 20.18 5.66 20.98
C HIS A 65 18.67 5.45 20.87
N ASP A 66 17.89 5.98 21.81
CA ASP A 66 16.46 5.63 21.77
C ASP A 66 15.75 6.22 20.56
N ARG A 67 16.30 7.27 19.95
CA ARG A 67 15.71 7.75 18.70
C ARG A 67 15.96 6.77 17.56
N PHE A 68 17.05 5.98 17.62
CA PHE A 68 17.39 5.07 16.52
C PHE A 68 16.39 3.93 16.39
N GLY A 69 15.57 3.67 17.41
CA GLY A 69 14.56 2.64 17.29
C GLY A 69 13.57 2.93 16.17
N GLY A 70 13.08 4.17 16.10
CA GLY A 70 12.20 4.54 15.01
C GLY A 70 12.89 4.47 13.65
N TYR A 71 14.15 4.91 13.59
CA TYR A 71 14.90 4.81 12.36
C TYR A 71 14.99 3.36 11.90
N ALA A 72 15.35 2.47 12.85
CA ALA A 72 15.49 1.06 12.51
C ALA A 72 14.15 0.45 12.17
N GLN A 73 13.07 0.87 12.85
CA GLN A 73 11.75 0.35 12.51
C GLN A 73 11.40 0.65 11.06
N SER A 74 11.90 1.76 10.52
CA SER A 74 11.69 2.13 9.13
C SER A 74 12.76 1.57 8.19
N GLY A 75 13.70 0.79 8.71
CA GLY A 75 14.74 0.26 7.84
C GLY A 75 15.75 1.30 7.39
N LEU A 76 15.92 2.38 8.15
CA LEU A 76 16.78 3.46 7.71
C LEU A 76 18.24 3.29 8.12
N LEU A 77 18.55 2.35 9.01
CA LEU A 77 19.90 2.19 9.54
C LEU A 77 20.49 0.86 9.10
N ALA A 78 21.74 0.91 8.67
CA ALA A 78 22.47 -0.30 8.30
C ALA A 78 22.69 -1.19 9.53
N GLU A 79 22.48 -2.50 9.36
CA GLU A 79 22.77 -3.45 10.41
C GLU A 79 24.26 -3.80 10.40
N ILE A 80 24.89 -3.73 11.58
CA ILE A 80 26.33 -3.96 11.71
C ILE A 80 26.57 -5.23 12.49
N THR A 81 27.69 -5.89 12.20
CA THR A 81 28.20 -7.02 12.98
C THR A 81 29.71 -6.90 13.13
N PRO A 82 30.17 -6.01 14.00
CA PRO A 82 31.61 -5.84 14.21
C PRO A 82 32.23 -7.08 14.86
N ALA A 83 33.54 -7.21 14.67
CA ALA A 83 34.26 -8.39 15.13
C ALA A 83 34.19 -8.53 16.64
N ALA A 84 34.37 -9.77 17.10
CA ALA A 84 34.30 -10.07 18.52
C ALA A 84 35.22 -9.16 19.33
N ALA A 85 36.47 -9.04 18.89
CA ALA A 85 37.43 -8.25 19.65
C ALA A 85 37.03 -6.79 19.69
N PHE A 86 36.46 -6.29 18.59
CA PHE A 86 36.03 -4.90 18.60
C PHE A 86 34.88 -4.69 19.59
N GLN A 87 33.91 -5.60 19.62
CA GLN A 87 32.82 -5.43 20.57
C GLN A 87 33.35 -5.47 21.99
N ASP A 88 34.33 -6.33 22.25
CA ASP A 88 34.86 -6.47 23.60
C ASP A 88 35.61 -5.22 24.08
N LYS A 89 35.88 -4.26 23.20
CA LYS A 89 36.48 -2.98 23.61
C LYS A 89 35.49 -2.08 24.34
N LEU A 90 34.19 -2.32 24.15
CA LEU A 90 33.12 -1.47 24.63
C LEU A 90 32.37 -2.20 25.76
N TYR A 91 31.76 -1.43 26.65
CA TYR A 91 31.04 -2.06 27.77
C TYR A 91 29.83 -2.80 27.22
N PRO A 92 29.59 -4.04 27.65
CA PRO A 92 28.46 -4.81 27.09
C PRO A 92 27.12 -4.10 27.17
N PHE A 93 26.81 -3.39 28.26
CA PHE A 93 25.47 -2.82 28.36
C PHE A 93 25.24 -1.76 27.29
N THR A 94 26.32 -1.07 26.85
CA THR A 94 26.14 -0.07 25.81
C THR A 94 25.78 -0.72 24.48
N TRP A 95 26.26 -1.94 24.22
CA TRP A 95 25.81 -2.63 23.02
C TRP A 95 24.33 -2.95 23.08
N ASP A 96 23.80 -3.20 24.27
CA ASP A 96 22.36 -3.46 24.36
C ASP A 96 21.56 -2.25 23.89
N ALA A 97 22.07 -1.04 24.09
CA ALA A 97 21.32 0.14 23.72
C ALA A 97 21.19 0.31 22.22
N VAL A 98 22.06 -0.32 21.42
CA VAL A 98 21.99 -0.20 19.97
C VAL A 98 21.51 -1.51 19.34
N ARG A 99 20.84 -2.36 20.10
CA ARG A 99 20.13 -3.49 19.52
C ARG A 99 18.70 -3.06 19.26
N TYR A 100 18.18 -3.43 18.09
CA TYR A 100 16.77 -3.23 17.78
C TYR A 100 16.19 -4.54 17.27
N ASN A 101 15.27 -5.12 18.01
CA ASN A 101 14.69 -6.41 17.66
C ASN A 101 15.79 -7.43 17.35
N GLY A 102 16.83 -7.44 18.18
CA GLY A 102 17.91 -8.40 18.05
C GLY A 102 19.05 -7.98 17.16
N LYS A 103 18.91 -6.91 16.38
CA LYS A 103 19.89 -6.51 15.38
C LYS A 103 20.70 -5.33 15.91
N LEU A 104 22.02 -5.40 15.73
CA LEU A 104 22.85 -4.24 16.02
C LEU A 104 22.67 -3.22 14.91
N ILE A 105 22.34 -1.98 15.29
CA ILE A 105 22.06 -0.98 14.27
C ILE A 105 22.88 0.30 14.48
N ALA A 106 23.85 0.29 15.39
CA ALA A 106 24.64 1.51 15.59
C ALA A 106 25.85 1.20 16.45
N TYR A 107 26.70 2.23 16.65
CA TYR A 107 27.81 2.01 17.56
C TYR A 107 27.68 2.89 18.78
N PRO A 108 27.87 2.35 19.98
CA PRO A 108 27.75 3.16 21.20
C PRO A 108 28.92 4.12 21.30
N ILE A 109 28.65 5.36 21.69
CA ILE A 109 29.74 6.32 21.85
C ILE A 109 29.91 6.78 23.29
N ALA A 110 28.86 7.37 23.87
CA ALA A 110 28.92 7.96 25.21
C ALA A 110 27.71 7.50 26.01
N VAL A 111 27.76 7.76 27.31
CA VAL A 111 26.78 7.25 28.28
C VAL A 111 26.40 8.39 29.23
N GLU A 112 25.11 8.59 29.45
CA GLU A 112 24.71 9.49 30.53
C GLU A 112 23.60 8.88 31.37
N ALA A 113 23.57 9.27 32.64
CA ALA A 113 22.56 8.85 33.60
C ALA A 113 22.59 9.84 34.77
N LEU A 114 21.50 9.82 35.54
CA LEU A 114 21.40 10.60 36.77
C LEU A 114 22.38 10.11 37.83
N SER A 115 22.82 11.02 38.69
CA SER A 115 23.59 10.65 39.87
C SER A 115 23.09 11.40 41.09
N LEU A 116 23.65 11.02 42.25
CA LEU A 116 23.42 11.77 43.48
C LEU A 116 24.44 12.89 43.52
N ILE A 117 23.96 14.12 43.61
CA ILE A 117 24.80 15.31 43.74
C ILE A 117 24.61 15.82 45.17
N TYR A 118 25.71 16.17 45.83
CA TYR A 118 25.65 16.47 47.26
C TYR A 118 26.54 17.66 47.59
N ASN A 119 26.17 18.36 48.67
CA ASN A 119 26.93 19.49 49.17
C ASN A 119 27.93 19.01 50.22
N LYS A 120 29.23 19.09 49.87
CA LYS A 120 30.27 18.53 50.73
C LYS A 120 30.33 19.24 52.08
N ASP A 121 30.18 20.57 52.07
CA ASP A 121 30.19 21.33 53.32
C ASP A 121 29.03 20.93 54.21
N LEU A 122 27.83 20.80 53.65
CA LEU A 122 26.68 20.40 54.45
C LEU A 122 26.68 18.91 54.75
N LEU A 123 27.23 18.09 53.86
CA LEU A 123 27.07 16.64 53.94
C LEU A 123 28.31 15.95 53.42
N PRO A 124 29.38 15.92 54.22
CA PRO A 124 30.62 15.27 53.76
C PRO A 124 30.45 13.82 53.41
N ASN A 125 29.53 13.16 54.12
CA ASN A 125 29.28 11.71 53.94
C ASN A 125 27.88 11.47 53.40
N PRO A 126 27.68 11.47 52.06
CA PRO A 126 26.38 11.25 51.48
C PRO A 126 25.89 9.84 51.83
N PRO A 127 24.58 9.67 52.09
CA PRO A 127 24.03 8.38 52.44
C PRO A 127 24.13 7.32 51.35
N LYS A 128 24.43 6.10 51.74
CA LYS A 128 24.46 4.98 50.81
C LYS A 128 23.08 4.39 50.58
N THR A 129 22.12 4.64 51.48
CA THR A 129 20.77 4.12 51.34
C THR A 129 19.76 5.26 51.38
N TRP A 130 18.62 5.03 50.71
CA TRP A 130 17.47 5.91 50.88
C TRP A 130 16.93 5.85 52.30
N GLU A 131 17.00 4.69 52.95
CA GLU A 131 16.35 4.50 54.24
C GLU A 131 16.87 5.43 55.33
N GLU A 132 18.10 5.94 55.21
CA GLU A 132 18.66 6.87 56.19
C GLU A 132 18.40 8.34 55.87
N ILE A 133 17.74 8.63 54.76
CA ILE A 133 17.39 10.00 54.36
C ILE A 133 16.45 10.69 55.35
N PRO A 134 15.36 10.03 55.86
CA PRO A 134 14.50 10.70 56.83
C PRO A 134 15.28 11.28 57.99
N ALA A 135 16.03 10.41 58.69
CA ALA A 135 16.82 10.83 59.85
C ALA A 135 17.79 11.93 59.48
N LEU A 136 18.40 11.85 58.30
CA LEU A 136 19.32 12.88 57.87
C LEU A 136 18.60 14.22 57.74
N ASP A 137 17.33 14.19 57.34
CA ASP A 137 16.55 15.40 57.13
C ASP A 137 16.19 16.06 58.46
N LYS A 138 15.88 15.26 59.48
CA LYS A 138 15.66 15.83 60.81
C LYS A 138 16.87 16.64 61.27
N GLU A 139 18.07 16.07 61.14
CA GLU A 139 19.26 16.82 61.52
C GLU A 139 19.40 18.10 60.72
N LEU A 140 19.24 18.01 59.40
CA LEU A 140 19.40 19.19 58.56
C LEU A 140 18.26 20.18 58.75
N LYS A 141 17.04 19.71 59.02
CA LYS A 141 15.93 20.63 59.25
C LYS A 141 16.16 21.45 60.51
N ALA A 142 16.84 20.89 61.51
CA ALA A 142 17.16 21.68 62.71
C ALA A 142 18.21 22.76 62.43
N LYS A 143 18.92 22.68 61.30
CA LYS A 143 19.86 23.71 60.90
C LYS A 143 19.25 24.73 59.94
N GLY A 144 17.95 24.60 59.64
CA GLY A 144 17.35 25.48 58.64
C GLY A 144 17.60 25.06 57.22
N LYS A 145 17.98 23.81 56.99
CA LYS A 145 18.25 23.29 55.65
C LYS A 145 17.56 21.93 55.51
N SER A 146 17.69 21.30 54.35
CA SER A 146 17.04 20.01 54.12
C SER A 146 18.01 19.02 53.49
N ALA A 147 17.65 17.74 53.60
CA ALA A 147 18.48 16.68 53.04
C ALA A 147 18.45 16.70 51.51
N LEU A 148 17.26 16.58 50.92
CA LEU A 148 17.15 16.18 49.53
C LEU A 148 16.02 16.93 48.84
N MET A 149 16.33 17.52 47.70
CA MET A 149 15.32 18.09 46.82
C MET A 149 15.66 17.74 45.37
N PHE A 150 14.73 17.09 44.68
CA PHE A 150 14.88 16.85 43.26
C PHE A 150 13.49 16.95 42.60
N ASN A 151 13.50 16.96 41.27
CA ASN A 151 12.27 17.06 40.48
C ASN A 151 11.34 15.87 40.73
N LEU A 152 10.23 16.08 41.43
CA LEU A 152 9.27 15.00 41.65
C LEU A 152 8.20 14.90 40.57
N GLN A 153 8.15 15.87 39.65
CA GLN A 153 7.04 15.93 38.70
C GLN A 153 7.18 14.94 37.57
N GLU A 154 8.42 14.61 37.17
CA GLU A 154 8.66 13.83 35.97
C GLU A 154 9.20 12.46 36.33
N PRO A 155 8.57 11.38 35.87
CA PRO A 155 9.00 10.02 36.31
C PRO A 155 10.43 9.70 35.96
N TYR A 156 11.03 10.39 34.98
CA TYR A 156 12.43 10.21 34.68
C TYR A 156 13.29 10.38 35.92
N PHE A 157 12.90 11.30 36.81
CA PHE A 157 13.64 11.56 38.03
C PHE A 157 13.24 10.65 39.18
N THR A 158 11.99 10.23 39.24
CA THR A 158 11.52 9.42 40.36
C THR A 158 11.61 7.93 40.10
N TRP A 159 11.72 7.52 38.84
CA TRP A 159 11.79 6.09 38.55
C TRP A 159 13.04 5.38 39.11
N PRO A 160 14.21 6.02 39.26
CA PRO A 160 15.35 5.27 39.86
C PRO A 160 15.04 4.65 41.21
N LEU A 161 14.35 5.39 42.08
CA LEU A 161 13.91 4.82 43.36
C LEU A 161 12.87 3.74 43.16
N ILE A 162 11.90 4.00 42.28
CA ILE A 162 10.78 3.10 42.09
C ILE A 162 11.23 1.77 41.52
N ALA A 163 12.23 1.79 40.64
CA ALA A 163 12.69 0.57 39.99
C ALA A 163 13.68 -0.21 40.85
N ALA A 164 14.22 0.41 41.90
CA ALA A 164 15.31 -0.20 42.65
C ALA A 164 14.98 -1.64 43.04
N ASP A 165 13.79 -1.87 43.56
CA ASP A 165 13.47 -3.20 44.04
C ASP A 165 12.68 -4.02 43.04
N GLY A 166 12.54 -3.57 41.80
CA GLY A 166 11.89 -4.41 40.81
C GLY A 166 11.02 -3.77 39.74
N GLY A 167 10.80 -2.46 39.78
CA GLY A 167 10.05 -1.81 38.72
C GLY A 167 10.79 -1.84 37.40
N TYR A 168 10.04 -1.91 36.30
CA TYR A 168 10.59 -1.73 34.96
C TYR A 168 9.51 -1.25 34.01
N ALA A 169 9.94 -0.66 32.91
CA ALA A 169 9.00 -0.15 31.90
C ALA A 169 8.54 -1.27 30.97
N PHE A 170 9.46 -1.82 30.20
CA PHE A 170 9.17 -3.01 29.39
C PHE A 170 10.31 -4.00 29.56
N LYS A 171 9.97 -5.27 29.64
CA LYS A 171 11.01 -6.28 29.87
C LYS A 171 11.95 -6.33 28.67
N TYR A 172 13.24 -6.37 28.94
CA TYR A 172 14.26 -6.51 27.87
C TYR A 172 14.88 -7.89 27.97
N ALA A 173 15.06 -8.53 26.82
CA ALA A 173 15.67 -9.85 26.73
C ALA A 173 16.23 -10.02 25.32
N ALA A 174 17.55 -10.13 25.20
CA ALA A 174 18.21 -10.52 23.96
C ALA A 174 17.88 -9.53 22.84
N GLY A 175 18.09 -8.25 23.12
CA GLY A 175 17.91 -7.22 22.12
C GLY A 175 16.48 -6.93 21.71
N LYS A 176 15.51 -7.32 22.53
CA LYS A 176 14.10 -7.22 22.19
C LYS A 176 13.31 -6.75 23.42
N TYR A 177 12.33 -5.88 23.20
CA TYR A 177 11.42 -5.48 24.27
C TYR A 177 10.08 -6.18 24.11
N ASP A 178 9.52 -6.64 25.23
CA ASP A 178 8.19 -7.23 25.28
C ASP A 178 7.26 -6.19 25.89
N ILE A 179 6.41 -5.58 25.05
CA ILE A 179 5.45 -4.59 25.56
C ILE A 179 4.26 -5.23 26.25
N LYS A 180 4.26 -6.55 26.38
CA LYS A 180 3.19 -7.22 27.13
C LYS A 180 3.68 -7.50 28.54
N ASP A 181 4.91 -7.09 28.85
CA ASP A 181 5.50 -7.32 30.17
C ASP A 181 5.90 -5.95 30.73
N VAL A 182 4.95 -5.31 31.37
CA VAL A 182 5.16 -4.02 32.01
C VAL A 182 5.43 -4.25 33.48
N GLY A 183 6.39 -3.51 34.04
CA GLY A 183 6.75 -3.71 35.43
C GLY A 183 6.36 -2.56 36.32
N VAL A 184 5.17 -2.01 36.08
CA VAL A 184 4.74 -0.80 36.79
C VAL A 184 4.02 -1.13 38.09
N ASP A 185 3.24 -2.21 38.17
CA ASP A 185 2.52 -2.52 39.39
C ASP A 185 3.03 -3.79 40.09
N ASN A 186 4.32 -4.08 40.02
CA ASN A 186 4.80 -5.24 40.73
C ASN A 186 5.25 -4.83 42.13
N ALA A 187 5.69 -5.82 42.93
CA ALA A 187 5.96 -5.53 44.33
C ALA A 187 7.11 -4.55 44.49
N GLY A 188 8.09 -4.61 43.60
CA GLY A 188 9.23 -3.70 43.70
C GLY A 188 8.83 -2.24 43.51
N ALA A 189 8.04 -1.96 42.48
CA ALA A 189 7.63 -0.58 42.23
C ALA A 189 6.77 -0.04 43.36
N LYS A 190 5.88 -0.88 43.90
CA LYS A 190 5.05 -0.43 45.00
C LYS A 190 5.89 -0.07 46.22
N ALA A 191 6.88 -0.91 46.54
CA ALA A 191 7.73 -0.60 47.69
C ALA A 191 8.46 0.72 47.47
N GLY A 192 9.02 0.90 46.28
CA GLY A 192 9.77 2.12 46.02
C GLY A 192 8.91 3.36 46.04
N LEU A 193 7.73 3.30 45.42
CA LEU A 193 6.83 4.45 45.43
C LEU A 193 6.27 4.70 46.82
N THR A 194 6.02 3.64 47.60
CA THR A 194 5.59 3.84 48.98
C THR A 194 6.63 4.65 49.76
N PHE A 195 7.89 4.32 49.57
CA PHE A 195 8.97 5.06 50.26
C PHE A 195 9.04 6.49 49.71
N LEU A 196 8.82 6.66 48.41
CA LEU A 196 8.79 8.01 47.87
C LEU A 196 7.64 8.83 48.48
N VAL A 197 6.47 8.21 48.62
CA VAL A 197 5.31 8.94 49.13
C VAL A 197 5.47 9.26 50.61
N ASP A 198 6.02 8.32 51.40
CA ASP A 198 6.19 8.56 52.83
C ASP A 198 7.14 9.71 53.09
N LEU A 199 8.22 9.82 52.30
CA LEU A 199 9.08 10.99 52.39
C LEU A 199 8.27 12.28 52.25
N ILE A 200 7.22 12.25 51.42
CA ILE A 200 6.41 13.43 51.20
C ILE A 200 5.42 13.64 52.34
N LYS A 201 4.78 12.55 52.80
CA LYS A 201 3.83 12.65 53.91
C LYS A 201 4.51 13.08 55.22
N ASN A 202 5.72 12.56 55.50
CA ASN A 202 6.46 12.92 56.70
C ASN A 202 7.24 14.25 56.55
N LYS A 203 6.94 15.02 55.50
CA LYS A 203 7.49 16.36 55.23
C LYS A 203 9.00 16.38 55.00
N HIS A 204 9.58 15.28 54.53
CA HIS A 204 10.99 15.40 54.15
C HIS A 204 11.12 15.95 52.74
N MET A 205 10.11 15.75 51.90
CA MET A 205 10.04 16.39 50.58
C MET A 205 8.64 16.93 50.36
N ASN A 206 8.56 17.91 49.46
CA ASN A 206 7.29 18.56 49.11
C ASN A 206 6.82 18.03 47.76
N ALA A 207 5.55 17.67 47.68
CA ALA A 207 5.03 17.03 46.47
C ALA A 207 5.08 17.93 45.24
N ASP A 208 5.23 19.24 45.38
CA ASP A 208 5.23 20.10 44.21
C ASP A 208 6.62 20.50 43.73
N THR A 209 7.68 19.95 44.33
CA THR A 209 9.02 20.29 43.88
C THR A 209 9.25 19.85 42.45
N ASP A 210 9.77 20.75 41.63
CA ASP A 210 10.02 20.46 40.22
C ASP A 210 11.50 20.71 39.92
N TYR A 211 11.84 20.67 38.62
CA TYR A 211 13.24 20.81 38.24
C TYR A 211 13.80 22.17 38.63
N SER A 212 13.04 23.24 38.36
CA SER A 212 13.50 24.58 38.69
C SER A 212 13.63 24.77 40.20
N ILE A 213 12.67 24.26 40.96
CA ILE A 213 12.70 24.44 42.41
C ILE A 213 13.90 23.72 43.01
N ALA A 214 14.10 22.45 42.65
CA ALA A 214 15.25 21.71 43.16
C ALA A 214 16.56 22.34 42.75
N GLU A 215 16.66 22.81 41.50
CA GLU A 215 17.93 23.34 41.03
C GLU A 215 18.31 24.59 41.82
N ALA A 216 17.36 25.49 42.03
CA ALA A 216 17.64 26.71 42.80
C ALA A 216 18.03 26.38 44.23
N ALA A 217 17.33 25.45 44.87
CA ALA A 217 17.59 25.16 46.27
C ALA A 217 19.00 24.62 46.46
N PHE A 218 19.42 23.68 45.59
CA PHE A 218 20.75 23.10 45.74
C PHE A 218 21.85 24.10 45.39
N ASN A 219 21.66 24.88 44.33
CA ASN A 219 22.73 25.82 43.96
C ASN A 219 22.82 27.00 44.92
N LYS A 220 21.79 27.25 45.71
CA LYS A 220 21.79 28.28 46.75
C LYS A 220 22.25 27.77 48.10
N GLY A 221 22.56 26.48 48.22
CA GLY A 221 23.04 25.91 49.47
C GLY A 221 21.98 25.55 50.46
N GLU A 222 20.71 25.46 50.04
CA GLU A 222 19.60 25.24 50.95
C GLU A 222 19.28 23.76 51.19
N THR A 223 19.67 22.89 50.27
CA THR A 223 19.45 21.47 50.44
C THR A 223 20.79 20.73 50.26
N ALA A 224 20.96 19.66 51.03
CA ALA A 224 22.24 18.97 51.03
C ALA A 224 22.46 18.14 49.78
N MET A 225 21.39 17.72 49.10
CA MET A 225 21.50 16.77 48.00
C MET A 225 20.41 17.07 46.97
N THR A 226 20.76 16.87 45.70
CA THR A 226 19.80 16.82 44.60
C THR A 226 20.13 15.61 43.74
N ILE A 227 19.23 15.28 42.81
CA ILE A 227 19.46 14.21 41.85
C ILE A 227 19.38 14.82 40.45
N ASN A 228 20.46 14.70 39.69
CA ASN A 228 20.46 15.35 38.39
C ASN A 228 21.58 14.74 37.55
N GLY A 229 21.57 15.07 36.27
CA GLY A 229 22.53 14.55 35.33
C GLY A 229 23.65 15.53 35.03
N PRO A 230 24.57 15.15 34.14
CA PRO A 230 25.76 15.97 33.89
C PRO A 230 25.44 17.33 33.26
N TRP A 231 24.27 17.48 32.61
CA TRP A 231 23.88 18.76 32.03
C TRP A 231 23.72 19.84 33.10
N ALA A 232 23.56 19.45 34.37
CA ALA A 232 23.37 20.39 35.47
C ALA A 232 24.68 20.86 36.10
N TRP A 233 25.81 20.22 35.76
CA TRP A 233 27.06 20.47 36.46
C TRP A 233 27.52 21.91 36.26
N SER A 234 27.35 22.44 35.04
CA SER A 234 27.80 23.79 34.73
C SER A 234 27.20 24.81 35.69
N ASN A 235 25.87 24.74 35.91
CA ASN A 235 25.22 25.71 36.79
C ASN A 235 25.73 25.60 38.22
N ILE A 236 26.02 24.38 38.68
CA ILE A 236 26.57 24.24 40.02
C ILE A 236 27.96 24.85 40.09
N ASP A 237 28.75 24.69 39.03
CA ASP A 237 30.09 25.28 38.98
C ASP A 237 30.03 26.79 39.21
N THR A 238 29.09 27.46 38.52
CA THR A 238 28.92 28.90 38.70
C THR A 238 28.51 29.24 40.13
N SER A 239 27.73 28.38 40.77
CA SER A 239 27.37 28.64 42.15
C SER A 239 28.58 28.43 43.06
N ALA A 240 28.44 28.83 44.31
CA ALA A 240 29.52 28.71 45.27
C ALA A 240 29.53 27.35 45.95
N VAL A 241 28.68 26.41 45.53
CA VAL A 241 28.57 25.15 46.25
C VAL A 241 29.78 24.29 45.93
N ASN A 242 30.37 23.72 46.98
CA ASN A 242 31.39 22.67 46.86
C ASN A 242 30.64 21.34 46.73
N TYR A 243 30.58 20.80 45.53
CA TYR A 243 29.69 19.67 45.29
C TYR A 243 30.45 18.43 44.89
N GLY A 244 29.88 17.29 45.25
CA GLY A 244 30.35 16.02 44.73
C GLY A 244 29.25 15.33 43.94
N VAL A 245 29.64 14.36 43.13
CA VAL A 245 28.73 13.51 42.39
C VAL A 245 29.10 12.08 42.75
N THR A 246 28.10 11.26 43.09
CA THR A 246 28.41 9.92 43.61
C THR A 246 27.31 8.95 43.22
N VAL A 247 27.47 7.70 43.66
CA VAL A 247 26.50 6.66 43.34
C VAL A 247 25.16 6.98 44.01
N LEU A 248 24.07 6.70 43.31
CA LEU A 248 22.76 6.93 43.90
C LEU A 248 22.56 5.99 45.08
N PRO A 249 21.75 6.37 46.06
CA PRO A 249 21.57 5.53 47.24
C PRO A 249 20.89 4.23 46.84
N THR A 250 21.12 3.20 47.65
CA THR A 250 20.39 1.96 47.49
C THR A 250 19.03 2.07 48.17
N PHE A 251 18.14 1.15 47.81
CA PHE A 251 16.86 0.99 48.49
C PHE A 251 16.60 -0.49 48.67
N LYS A 252 16.35 -0.90 49.92
CA LYS A 252 16.25 -2.31 50.27
C LYS A 252 17.49 -3.06 49.80
N GLY A 253 18.64 -2.37 49.89
CA GLY A 253 19.91 -2.92 49.49
C GLY A 253 20.15 -3.00 48.00
N GLN A 254 19.21 -2.60 47.17
CA GLN A 254 19.23 -2.67 45.72
C GLN A 254 19.63 -1.32 45.15
N PRO A 255 20.46 -1.26 44.10
CA PRO A 255 20.83 0.03 43.53
C PRO A 255 19.63 0.76 43.00
N SER A 256 19.64 2.09 43.15
CA SER A 256 18.76 2.92 42.32
C SER A 256 19.11 2.71 40.85
N LYS A 257 18.09 2.72 39.99
CA LYS A 257 18.23 2.32 38.59
C LYS A 257 17.75 3.45 37.67
N PRO A 258 18.61 4.44 37.41
CA PRO A 258 18.23 5.52 36.49
C PRO A 258 18.23 5.03 35.05
N PHE A 259 17.50 5.74 34.20
CA PHE A 259 17.52 5.42 32.77
C PHE A 259 18.82 5.93 32.15
N VAL A 260 19.33 5.15 31.18
CA VAL A 260 20.64 5.39 30.59
C VAL A 260 20.46 5.75 29.12
N GLY A 261 20.99 6.92 28.74
CA GLY A 261 21.00 7.35 27.35
C GLY A 261 22.40 7.20 26.76
N VAL A 262 22.46 6.59 25.58
CA VAL A 262 23.72 6.24 24.95
C VAL A 262 23.80 6.99 23.62
N LEU A 263 24.69 7.99 23.55
CA LEU A 263 25.01 8.59 22.27
C LEU A 263 25.59 7.52 21.36
N SER A 264 25.08 7.45 20.13
CA SER A 264 25.36 6.30 19.27
C SER A 264 25.56 6.75 17.82
N ALA A 265 26.30 5.92 17.07
CA ALA A 265 26.65 6.19 15.68
C ALA A 265 25.95 5.19 14.77
N GLY A 266 25.02 5.67 13.96
CA GLY A 266 24.28 4.83 13.04
C GLY A 266 24.73 5.06 11.61
N ILE A 267 24.69 4.02 10.80
CA ILE A 267 25.09 4.11 9.40
C ILE A 267 23.84 4.07 8.54
N ASN A 268 23.73 5.05 7.65
CA ASN A 268 22.57 5.15 6.77
C ASN A 268 22.46 3.90 5.91
N ALA A 269 21.26 3.31 5.89
CA ALA A 269 21.03 2.12 5.08
C ALA A 269 21.31 2.37 3.60
N ALA A 270 21.13 3.61 3.16
CA ALA A 270 21.29 3.95 1.75
C ALA A 270 22.72 4.36 1.40
N SER A 271 23.64 4.32 2.36
CA SER A 271 25.00 4.74 2.05
C SER A 271 25.69 3.69 1.18
N PRO A 272 26.37 4.11 0.11
CA PRO A 272 27.22 3.16 -0.64
C PRO A 272 28.58 2.98 0.00
N ASN A 273 28.84 3.63 1.13
CA ASN A 273 30.14 3.70 1.76
C ASN A 273 30.16 2.96 3.10
N LYS A 274 29.39 1.88 3.22
CA LYS A 274 29.23 1.23 4.50
C LYS A 274 30.56 0.77 5.07
N GLU A 275 31.41 0.17 4.24
CA GLU A 275 32.70 -0.35 4.72
C GLU A 275 33.62 0.78 5.14
N LEU A 276 33.62 1.90 4.41
CA LEU A 276 34.39 3.06 4.84
C LEU A 276 33.87 3.61 6.16
N ALA A 277 32.55 3.61 6.34
CA ALA A 277 31.98 4.09 7.60
C ALA A 277 32.37 3.19 8.77
N LYS A 278 32.29 1.86 8.59
CA LYS A 278 32.70 0.94 9.66
C LYS A 278 34.17 1.10 9.96
N GLU A 279 34.99 1.25 8.92
CA GLU A 279 36.42 1.42 9.12
C GLU A 279 36.71 2.69 9.90
N PHE A 280 36.07 3.79 9.52
CA PHE A 280 36.25 5.06 10.22
C PHE A 280 35.87 4.94 11.69
N LEU A 281 34.70 4.36 11.96
CA LEU A 281 34.22 4.30 13.34
C LEU A 281 35.02 3.30 14.16
N GLU A 282 35.33 2.13 13.61
CA GLU A 282 36.01 1.11 14.39
C GLU A 282 37.51 1.38 14.52
N ASN A 283 38.17 1.80 13.45
CA ASN A 283 39.60 2.05 13.57
C ASN A 283 39.97 3.51 13.80
N TYR A 284 39.04 4.47 13.72
CA TYR A 284 39.50 5.82 14.02
C TYR A 284 38.75 6.49 15.15
N LEU A 285 37.42 6.44 15.16
CA LEU A 285 36.71 7.16 16.22
C LEU A 285 36.76 6.43 17.55
N LEU A 286 36.33 5.16 17.57
CA LEU A 286 36.26 4.39 18.81
C LEU A 286 37.63 3.82 19.17
N THR A 287 38.54 4.76 19.50
CA THR A 287 39.89 4.47 19.95
C THR A 287 40.24 5.55 20.95
N ASP A 288 41.25 5.29 21.80
CA ASP A 288 41.68 6.32 22.75
C ASP A 288 41.91 7.64 22.05
N GLU A 289 42.65 7.63 20.93
CA GLU A 289 42.98 8.91 20.29
C GLU A 289 41.78 9.52 19.59
N GLY A 290 40.86 8.68 19.07
CA GLY A 290 39.66 9.24 18.46
C GLY A 290 38.74 9.96 19.45
N LEU A 291 38.37 9.28 20.54
CA LEU A 291 37.47 9.88 21.53
C LEU A 291 38.14 11.07 22.22
N GLU A 292 39.45 10.99 22.38
CA GLU A 292 40.17 12.11 23.03
C GLU A 292 40.01 13.35 22.16
N ALA A 293 40.13 13.23 20.85
CA ALA A 293 39.99 14.41 20.01
C ALA A 293 38.61 15.04 20.17
N VAL A 294 37.57 14.22 20.24
CA VAL A 294 36.22 14.73 20.42
C VAL A 294 36.05 15.30 21.82
N ASN A 295 36.45 14.54 22.83
CA ASN A 295 36.31 14.97 24.23
C ASN A 295 37.06 16.28 24.46
N LYS A 296 38.24 16.41 23.86
CA LYS A 296 39.03 17.63 23.97
C LYS A 296 38.25 18.84 23.43
N ASP A 297 37.42 18.63 22.41
CA ASP A 297 36.63 19.72 21.85
C ASP A 297 35.47 20.09 22.77
N LYS A 298 34.59 19.12 23.06
CA LYS A 298 33.50 19.31 23.98
C LYS A 298 33.35 18.00 24.73
N PRO A 299 33.20 18.03 26.06
CA PRO A 299 33.28 16.79 26.84
C PRO A 299 32.16 15.82 26.48
N LEU A 300 32.52 14.55 26.32
CA LEU A 300 31.54 13.50 26.06
C LEU A 300 30.86 12.99 27.32
N GLY A 301 31.42 13.28 28.49
CA GLY A 301 30.96 12.60 29.69
C GLY A 301 31.60 11.22 29.81
N ALA A 302 30.83 10.26 30.34
CA ALA A 302 31.28 8.88 30.35
C ALA A 302 31.17 8.29 28.96
N VAL A 303 32.15 7.45 28.59
CA VAL A 303 32.19 6.93 27.23
C VAL A 303 32.10 5.41 27.26
N ALA A 304 31.70 4.83 26.11
CA ALA A 304 31.48 3.40 26.01
C ALA A 304 32.78 2.59 25.84
N LEU A 305 33.90 3.25 25.56
CA LEU A 305 35.17 2.58 25.32
C LEU A 305 35.91 2.41 26.64
N LYS A 306 36.10 1.16 27.06
CA LYS A 306 36.61 0.89 28.41
C LYS A 306 37.95 1.57 28.67
N SER A 307 38.89 1.44 27.74
CA SER A 307 40.22 1.99 27.98
C SER A 307 40.17 3.50 28.19
N TYR A 308 39.43 4.22 27.34
CA TYR A 308 39.39 5.67 27.51
C TYR A 308 38.48 6.07 28.67
N GLU A 309 37.47 5.26 29.00
CA GLU A 309 36.63 5.58 30.16
C GLU A 309 37.45 5.54 31.46
N GLU A 310 38.37 4.59 31.58
CA GLU A 310 39.23 4.54 32.75
C GLU A 310 40.10 5.79 32.85
N GLU A 311 40.41 6.42 31.71
CA GLU A 311 41.14 7.68 31.79
C GLU A 311 40.24 8.80 32.29
N LEU A 312 39.04 8.90 31.73
CA LEU A 312 38.12 9.96 32.09
C LEU A 312 37.63 9.81 33.52
N ALA A 313 37.52 8.55 33.99
CA ALA A 313 36.97 8.24 35.30
C ALA A 313 37.85 8.72 36.45
N LYS A 314 39.10 9.14 36.20
CA LYS A 314 39.86 9.76 37.27
C LYS A 314 39.13 11.00 37.81
N ASP A 315 38.31 11.62 36.98
CA ASP A 315 37.29 12.54 37.45
C ASP A 315 36.19 11.74 38.14
N PRO A 316 36.00 11.88 39.45
CA PRO A 316 34.97 11.08 40.14
C PRO A 316 33.53 11.39 39.73
N ARG A 317 33.26 12.58 39.18
CA ARG A 317 31.93 12.86 38.66
C ARG A 317 31.60 11.95 37.48
N ILE A 318 32.59 11.73 36.61
CA ILE A 318 32.40 10.85 35.46
C ILE A 318 32.30 9.40 35.93
N ALA A 319 33.12 9.01 36.91
CA ALA A 319 33.05 7.66 37.45
C ALA A 319 31.66 7.38 38.00
N ALA A 320 31.04 8.37 38.64
CA ALA A 320 29.70 8.17 39.19
C ALA A 320 28.65 8.03 38.09
N THR A 321 28.75 8.84 37.03
CA THR A 321 27.87 8.67 35.88
C THR A 321 27.92 7.25 35.35
N MET A 322 29.14 6.73 35.12
CA MET A 322 29.26 5.38 34.58
C MET A 322 28.73 4.33 35.55
N GLU A 323 29.01 4.50 36.85
CA GLU A 323 28.54 3.53 37.84
C GLU A 323 27.02 3.47 37.91
N ASN A 324 26.37 4.63 38.02
CA ASN A 324 24.91 4.64 38.01
C ASN A 324 24.37 4.12 36.68
N ALA A 325 25.07 4.41 35.58
CA ALA A 325 24.65 3.88 34.28
C ALA A 325 24.72 2.37 34.25
N GLN A 326 25.81 1.80 34.78
CA GLN A 326 25.96 0.35 34.77
C GLN A 326 24.92 -0.30 35.67
N LYS A 327 24.51 0.39 36.73
CA LYS A 327 23.49 -0.08 37.65
C LYS A 327 22.08 0.24 37.21
N GLY A 328 21.90 1.14 36.22
CA GLY A 328 20.60 1.56 35.74
C GLY A 328 20.10 0.69 34.63
N GLU A 329 19.06 1.17 33.94
CA GLU A 329 18.55 0.47 32.79
C GLU A 329 18.58 1.30 31.53
N ILE A 330 18.97 0.63 30.43
CA ILE A 330 18.95 1.24 29.11
C ILE A 330 17.55 1.74 28.80
N MET A 331 17.47 3.02 28.44
CA MET A 331 16.22 3.60 27.94
C MET A 331 15.72 2.76 26.77
N PRO A 332 14.51 2.20 26.84
CA PRO A 332 14.00 1.43 25.71
C PRO A 332 13.87 2.31 24.48
N ASN A 333 14.24 1.76 23.32
CA ASN A 333 14.22 2.48 22.06
C ASN A 333 12.94 2.27 21.29
N ILE A 334 11.88 1.82 21.94
CA ILE A 334 10.60 1.66 21.25
C ILE A 334 9.72 2.86 21.58
N PRO A 335 8.88 3.29 20.64
CA PRO A 335 8.07 4.50 20.88
C PRO A 335 6.96 4.29 21.89
N GLN A 336 6.60 3.04 22.18
CA GLN A 336 5.60 2.77 23.22
C GLN A 336 6.03 3.26 24.59
N MET A 337 7.28 3.70 24.76
CA MET A 337 7.64 4.38 26.00
C MET A 337 6.74 5.57 26.28
N SER A 338 6.13 6.15 25.24
CA SER A 338 5.16 7.22 25.44
C SER A 338 4.06 6.76 26.39
N ALA A 339 3.56 5.55 26.20
CA ALA A 339 2.57 5.00 27.13
C ALA A 339 3.12 4.96 28.54
N PHE A 340 4.38 4.52 28.69
CA PHE A 340 4.98 4.43 30.03
C PHE A 340 5.00 5.78 30.72
N TRP A 341 5.50 6.81 30.03
CA TRP A 341 5.65 8.10 30.68
C TRP A 341 4.30 8.65 31.10
N TYR A 342 3.30 8.54 30.21
CA TYR A 342 1.97 9.09 30.44
C TYR A 342 1.31 8.45 31.67
N ALA A 343 1.28 7.13 31.73
CA ALA A 343 0.63 6.43 32.83
C ALA A 343 1.37 6.69 34.15
N VAL A 344 2.69 6.50 34.16
CA VAL A 344 3.45 6.58 35.40
C VAL A 344 3.44 8.02 35.94
N ARG A 345 3.48 9.01 35.07
CA ARG A 345 3.47 10.38 35.56
C ARG A 345 2.24 10.64 36.43
N THR A 346 1.08 10.18 35.96
CA THR A 346 -0.17 10.33 36.70
C THR A 346 -0.14 9.58 38.02
N ALA A 347 0.40 8.36 38.02
CA ALA A 347 0.42 7.54 39.25
C ALA A 347 1.22 8.22 40.35
N VAL A 348 2.39 8.77 40.03
CA VAL A 348 3.19 9.42 41.06
C VAL A 348 2.45 10.63 41.62
N ILE A 349 1.82 11.41 40.75
CA ILE A 349 1.11 12.61 41.20
C ILE A 349 -0.04 12.24 42.13
N ASN A 350 -0.83 11.23 41.76
CA ASN A 350 -2.00 10.88 42.55
C ASN A 350 -1.61 10.23 43.86
N ALA A 351 -0.57 9.39 43.86
CA ALA A 351 -0.10 8.79 45.10
C ALA A 351 0.55 9.83 46.00
N ALA A 352 1.34 10.73 45.42
CA ALA A 352 2.03 11.74 46.22
C ALA A 352 1.03 12.60 46.99
N SER A 353 -0.11 12.94 46.37
CA SER A 353 -1.09 13.82 47.00
C SER A 353 -2.05 13.07 47.90
N GLY A 354 -1.99 11.74 47.94
CA GLY A 354 -2.92 10.98 48.73
C GLY A 354 -4.27 10.78 48.08
N ARG A 355 -4.40 11.20 46.81
CA ARG A 355 -5.64 10.97 46.08
C ARG A 355 -5.91 9.48 45.94
N GLN A 356 -4.85 8.68 45.80
CA GLN A 356 -4.90 7.24 45.65
C GLN A 356 -3.85 6.62 46.54
N THR A 357 -4.07 5.35 46.91
CA THR A 357 -3.01 4.60 47.52
C THR A 357 -1.94 4.28 46.47
N VAL A 358 -0.71 4.02 46.94
CA VAL A 358 0.34 3.58 46.03
C VAL A 358 -0.13 2.36 45.25
N ASP A 359 -0.78 1.43 45.96
CA ASP A 359 -1.23 0.20 45.36
C ASP A 359 -2.21 0.45 44.21
N GLU A 360 -3.25 1.26 44.42
CA GLU A 360 -4.23 1.46 43.35
C GLU A 360 -3.66 2.34 42.24
N ALA A 361 -2.78 3.29 42.57
CA ALA A 361 -2.21 4.15 41.53
C ALA A 361 -1.40 3.34 40.52
N LEU A 362 -0.55 2.43 41.00
CA LEU A 362 0.27 1.62 40.10
C LEU A 362 -0.56 0.56 39.40
N LYS A 363 -1.61 0.06 40.07
CA LYS A 363 -2.59 -0.78 39.40
C LYS A 363 -3.19 -0.07 38.19
N ASP A 364 -3.68 1.15 38.38
CA ASP A 364 -4.25 1.87 37.26
C ASP A 364 -3.20 2.15 36.19
N ALA A 365 -1.99 2.55 36.59
CA ALA A 365 -0.95 2.90 35.63
C ALA A 365 -0.47 1.67 34.86
N GLN A 366 -0.35 0.53 35.53
CA GLN A 366 -0.02 -0.72 34.82
C GLN A 366 -1.01 -0.98 33.71
N THR A 367 -2.30 -0.87 34.02
CA THR A 367 -3.35 -1.13 33.04
C THR A 367 -3.33 -0.10 31.93
N ALA A 368 -3.16 1.18 32.28
CA ALA A 368 -3.13 2.24 31.28
C ALA A 368 -1.94 2.09 30.34
N ALA A 369 -0.76 1.75 30.89
CA ALA A 369 0.42 1.57 30.05
C ALA A 369 0.23 0.42 29.07
N ARG A 370 -0.25 -0.72 29.57
CA ARG A 370 -0.56 -1.87 28.72
C ARG A 370 -1.46 -1.46 27.56
N ALA A 371 -2.54 -0.75 27.86
CA ALA A 371 -3.55 -0.45 26.84
C ALA A 371 -3.02 0.52 25.80
N PHE A 372 -2.44 1.63 26.24
CA PHE A 372 -1.88 2.58 25.27
C PHE A 372 -0.74 1.95 24.46
N ALA A 373 0.07 1.11 25.11
CA ALA A 373 1.14 0.43 24.39
C ALA A 373 0.58 -0.50 23.32
N ALA A 374 -0.46 -1.26 23.65
CA ALA A 374 -1.11 -2.09 22.65
C ALA A 374 -1.78 -1.25 21.58
N ALA A 375 -2.31 -0.11 21.95
CA ALA A 375 -3.11 0.67 21.01
C ALA A 375 -2.30 1.37 19.94
N GLY A 376 -1.01 1.60 20.18
CA GLY A 376 -0.22 2.31 19.20
C GLY A 376 0.92 3.06 19.86
N LYS A 377 1.75 3.65 19.01
CA LYS A 377 3.02 4.19 19.45
C LYS A 377 2.88 5.51 20.20
N GLU A 378 1.75 6.22 20.05
CA GLU A 378 1.57 7.44 20.84
C GLU A 378 0.18 7.49 21.46
N ILE A 379 0.08 8.35 22.46
CA ILE A 379 -1.10 8.54 23.30
C ILE A 379 -2.17 9.22 22.46
N GLU A 380 -3.24 8.50 22.14
CA GLU A 380 -4.38 9.11 21.48
C GLU A 380 -5.62 8.37 21.94
N ILE A 381 -6.62 9.12 22.39
CA ILE A 381 -7.90 8.56 22.74
C ILE A 381 -8.99 9.43 22.12
N LYS A 382 -9.99 8.78 21.54
CA LYS A 382 -11.01 9.49 20.78
C LYS A 382 -12.35 9.37 21.49
N LYS A 383 -13.10 10.49 21.54
CA LYS A 383 -14.40 10.49 22.20
C LYS A 383 -15.36 9.67 21.36
N LEU A 384 -16.28 8.97 22.01
CA LEU A 384 -17.12 8.01 21.27
C LEU A 384 -18.02 8.68 20.23
N PRO A 385 -18.78 9.73 20.55
CA PRO A 385 -19.54 10.38 19.45
C PRO A 385 -18.65 10.81 18.31
N GLU A 386 -17.48 11.33 18.64
CA GLU A 386 -16.54 11.80 17.62
C GLU A 386 -16.07 10.64 16.73
N PHE A 387 -15.89 9.45 17.31
CA PHE A 387 -15.59 8.27 16.50
C PHE A 387 -16.80 7.80 15.70
N GLU A 388 -17.97 7.73 16.34
CA GLU A 388 -19.18 7.32 15.62
C GLU A 388 -19.51 8.27 14.47
N ALA A 389 -19.15 9.55 14.61
CA ALA A 389 -19.25 10.46 13.48
C ALA A 389 -18.31 10.05 12.34
N MET A 390 -17.13 9.51 12.66
CA MET A 390 -16.26 8.98 11.60
C MET A 390 -16.92 7.80 10.90
N VAL A 391 -17.45 6.86 11.67
CA VAL A 391 -17.96 5.63 11.08
C VAL A 391 -19.15 5.94 10.18
N ASN A 392 -20.03 6.83 10.64
CA ASN A 392 -21.23 7.19 9.89
C ASN A 392 -20.93 8.11 8.71
N ALA A 393 -19.70 8.62 8.61
CA ALA A 393 -19.24 9.32 7.42
C ALA A 393 -18.49 8.41 6.46
N GLY A 394 -18.41 7.11 6.77
CA GLY A 394 -17.64 6.19 5.96
C GLY A 394 -16.15 6.31 6.12
N ASN A 395 -15.69 6.97 7.17
CA ASN A 395 -14.27 7.21 7.41
C ASN A 395 -13.71 6.08 8.27
N THR A 396 -12.84 5.27 7.69
CA THR A 396 -12.30 4.08 8.33
C THR A 396 -10.81 4.21 8.65
N THR A 397 -10.32 5.43 8.81
CA THR A 397 -8.89 5.67 8.97
C THR A 397 -8.40 5.50 10.40
N TYR A 398 -9.27 5.62 11.40
CA TYR A 398 -8.83 5.62 12.78
C TYR A 398 -8.71 4.21 13.34
N THR A 399 -7.55 3.93 13.94
CA THR A 399 -7.27 2.72 14.71
C THR A 399 -6.74 3.18 16.05
N GLY A 400 -7.28 2.66 17.14
CA GLY A 400 -6.79 3.03 18.45
C GLY A 400 -7.89 2.98 19.49
N LEU A 401 -7.58 3.55 20.66
CA LEU A 401 -8.52 3.58 21.76
C LEU A 401 -9.61 4.60 21.49
N VAL A 402 -10.83 4.26 21.92
CA VAL A 402 -11.97 5.15 21.83
C VAL A 402 -12.65 5.12 23.19
N GLU A 403 -12.95 6.30 23.74
CA GLU A 403 -13.39 6.34 25.12
C GLU A 403 -14.72 5.63 25.27
N GLY A 404 -14.78 4.70 26.22
CA GLY A 404 -15.98 3.99 26.58
C GLY A 404 -15.99 2.53 26.17
N ILE A 405 -15.42 2.19 25.03
CA ILE A 405 -15.48 0.82 24.52
C ILE A 405 -14.13 0.14 24.43
N GLY A 406 -13.02 0.88 24.41
CA GLY A 406 -11.71 0.24 24.33
C GLY A 406 -10.99 0.51 23.03
N TYR A 407 -10.55 -0.56 22.36
CA TYR A 407 -9.76 -0.47 21.15
C TYR A 407 -10.59 -0.82 19.92
N VAL A 408 -10.41 -0.04 18.85
CA VAL A 408 -11.08 -0.29 17.58
C VAL A 408 -10.02 -0.48 16.51
N TYR A 409 -10.31 -1.35 15.54
CA TYR A 409 -9.46 -1.50 14.37
C TYR A 409 -10.31 -2.12 13.25
N TRP A 410 -9.75 -2.09 12.05
CA TRP A 410 -10.47 -2.46 10.85
C TRP A 410 -9.80 -3.65 10.16
N THR A 411 -10.61 -4.57 9.64
CA THR A 411 -10.14 -5.54 8.67
C THR A 411 -10.87 -5.32 7.35
N THR A 412 -10.19 -5.65 6.25
CA THR A 412 -10.65 -5.35 4.91
C THR A 412 -10.78 -6.63 4.10
N GLU A 413 -11.79 -6.64 3.23
CA GLU A 413 -12.09 -7.76 2.36
C GLU A 413 -12.86 -7.23 1.17
N THR A 414 -12.58 -7.83 0.01
CA THR A 414 -13.25 -7.46 -1.23
C THR A 414 -14.29 -8.52 -1.55
N LEU A 415 -15.51 -8.08 -1.86
CA LEU A 415 -16.59 -8.96 -2.26
C LEU A 415 -16.75 -8.86 -3.76
N TYR A 416 -16.94 -10.00 -4.43
CA TYR A 416 -17.24 -9.97 -5.85
C TYR A 416 -18.70 -10.31 -6.11
N PHE A 417 -19.30 -9.68 -7.12
CA PHE A 417 -20.64 -10.06 -7.55
C PHE A 417 -20.72 -10.19 -9.06
N ILE A 418 -21.69 -10.97 -9.51
CA ILE A 418 -22.06 -11.07 -10.92
C ILE A 418 -23.38 -10.33 -11.16
N ARG A 419 -23.47 -9.65 -12.29
CA ARG A 419 -24.72 -8.97 -12.65
C ARG A 419 -25.70 -10.06 -13.05
N THR A 420 -26.88 -10.08 -12.45
CA THR A 420 -27.85 -11.12 -12.78
C THR A 420 -28.78 -10.72 -13.91
N ASN A 421 -28.88 -9.44 -14.26
CA ASN A 421 -29.84 -8.98 -15.27
C ASN A 421 -29.16 -8.15 -16.37
N PRO A 422 -28.07 -8.67 -16.97
CA PRO A 422 -27.31 -7.83 -17.91
C PRO A 422 -28.07 -7.46 -19.19
N GLU A 423 -29.12 -8.18 -19.56
CA GLU A 423 -29.82 -7.84 -20.79
C GLU A 423 -30.81 -6.70 -20.62
N GLN A 424 -31.22 -6.41 -19.38
CA GLN A 424 -32.22 -5.38 -19.07
C GLN A 424 -31.50 -4.07 -18.85
N LEU A 425 -31.26 -3.33 -19.93
CA LEU A 425 -30.46 -2.11 -19.86
C LEU A 425 -31.26 -0.98 -19.23
N TRP A 426 -32.57 -1.07 -19.30
CA TRP A 426 -33.49 -0.05 -18.84
C TRP A 426 -34.00 -0.41 -17.46
N ALA A 427 -33.09 -0.68 -16.53
CA ALA A 427 -33.47 -1.15 -15.21
C ALA A 427 -32.29 -1.03 -14.26
N ILE A 428 -32.59 -1.15 -12.97
CA ILE A 428 -31.59 -1.10 -11.90
C ILE A 428 -30.75 -2.38 -11.92
N PRO A 429 -29.42 -2.29 -11.95
CA PRO A 429 -28.59 -3.50 -11.93
C PRO A 429 -28.87 -4.34 -10.69
N LYS A 430 -28.94 -5.65 -10.88
CA LYS A 430 -29.06 -6.58 -9.77
C LYS A 430 -27.83 -7.48 -9.77
N TYR A 431 -27.31 -7.77 -8.58
CA TYR A 431 -26.07 -8.51 -8.45
C TYR A 431 -26.22 -9.63 -7.44
N GLN A 432 -25.39 -10.66 -7.58
CA GLN A 432 -25.35 -11.78 -6.66
C GLN A 432 -23.88 -12.12 -6.35
N GLN A 433 -23.58 -12.35 -5.07
CA GLN A 433 -22.21 -12.58 -4.63
C GLN A 433 -21.69 -13.90 -5.15
N ILE A 434 -20.39 -13.94 -5.41
CA ILE A 434 -19.72 -15.14 -5.97
C ILE A 434 -18.50 -15.53 -5.14
N PRO A 435 -18.26 -16.86 -5.03
CA PRO A 435 -17.22 -17.37 -4.14
C PRO A 435 -15.80 -17.18 -4.71
N PHE A 436 -14.77 -17.27 -3.81
CA PHE A 436 -13.38 -16.79 -3.85
C PHE A 436 -12.69 -16.88 -5.20
N PRO A 437 -12.55 -18.03 -5.84
CA PRO A 437 -11.79 -17.95 -7.13
C PRO A 437 -12.45 -16.96 -8.09
N TYR A 438 -13.78 -16.88 -8.08
CA TYR A 438 -14.65 -15.92 -8.75
C TYR A 438 -14.78 -16.12 -10.25
N PHE A 439 -14.03 -17.02 -10.86
CA PHE A 439 -13.93 -17.06 -12.32
C PHE A 439 -15.28 -17.34 -12.94
N GLN A 440 -15.72 -16.47 -13.83
CA GLN A 440 -16.95 -16.63 -14.58
C GLN A 440 -16.63 -16.60 -16.07
N ARG A 441 -17.60 -17.00 -16.89
CA ARG A 441 -17.40 -16.86 -18.34
C ARG A 441 -17.22 -15.40 -18.73
N LYS A 442 -16.50 -15.19 -19.83
CA LYS A 442 -16.06 -13.85 -20.21
C LYS A 442 -17.24 -12.90 -20.40
N ASP A 443 -18.39 -13.38 -20.85
CA ASP A 443 -19.52 -12.47 -21.02
C ASP A 443 -20.08 -11.94 -19.69
N ALA A 444 -19.74 -12.56 -18.55
CA ALA A 444 -20.28 -12.10 -17.28
C ALA A 444 -19.75 -10.72 -16.92
N ILE A 445 -20.62 -9.90 -16.33
CA ILE A 445 -20.21 -8.60 -15.82
C ILE A 445 -19.91 -8.74 -14.34
N ILE A 446 -18.68 -8.41 -13.95
CA ILE A 446 -18.20 -8.59 -12.59
C ILE A 446 -18.08 -7.24 -11.90
N GLU A 447 -18.66 -7.14 -10.70
CA GLU A 447 -18.65 -5.96 -9.86
C GLU A 447 -18.03 -6.32 -8.52
N THR A 448 -17.17 -5.46 -8.00
CA THR A 448 -16.55 -5.68 -6.69
C THR A 448 -16.86 -4.52 -5.76
N LYS A 449 -17.08 -4.84 -4.48
CA LYS A 449 -17.21 -3.87 -3.41
C LYS A 449 -16.16 -4.17 -2.33
N THR A 450 -15.64 -3.11 -1.72
CA THR A 450 -14.59 -3.24 -0.70
C THR A 450 -15.18 -3.01 0.68
N LEU A 451 -14.98 -3.98 1.56
CA LEU A 451 -15.70 -4.04 2.82
C LEU A 451 -14.72 -3.74 3.95
N HIS A 452 -14.93 -2.66 4.67
CA HIS A 452 -14.15 -2.35 5.86
C HIS A 452 -14.98 -2.74 7.07
N THR A 453 -14.54 -3.75 7.81
CA THR A 453 -15.30 -4.26 8.94
C THR A 453 -14.68 -3.79 10.25
N LEU A 454 -15.52 -3.25 11.13
CA LEU A 454 -15.08 -2.67 12.39
C LEU A 454 -14.97 -3.74 13.47
N HIS A 455 -13.90 -3.63 14.26
CA HIS A 455 -13.59 -4.50 15.39
C HIS A 455 -13.57 -3.66 16.66
N VAL A 456 -14.15 -4.19 17.74
CA VAL A 456 -14.16 -3.49 19.02
C VAL A 456 -13.66 -4.45 20.09
N LEU A 457 -12.61 -4.05 20.80
CA LEU A 457 -12.06 -4.82 21.91
C LEU A 457 -12.07 -3.96 23.16
N SER A 458 -12.58 -4.51 24.25
CA SER A 458 -12.37 -3.86 25.54
C SER A 458 -10.90 -3.92 25.93
N LYS A 459 -10.48 -3.01 26.81
CA LYS A 459 -9.11 -3.01 27.31
C LYS A 459 -8.70 -4.40 27.80
N ASP A 460 -9.57 -5.09 28.54
CA ASP A 460 -9.23 -6.43 29.01
C ASP A 460 -9.04 -7.41 27.86
N GLU A 461 -9.93 -7.37 26.86
CA GLU A 461 -9.75 -8.22 25.69
C GLU A 461 -8.48 -7.87 24.96
N LEU A 462 -8.20 -6.59 24.80
CA LEU A 462 -6.99 -6.14 24.12
C LEU A 462 -5.73 -6.76 24.73
N LEU A 463 -5.69 -6.92 26.06
CA LEU A 463 -4.45 -7.35 26.68
C LEU A 463 -4.16 -8.83 26.43
N LYS A 464 -5.18 -9.66 26.20
CA LYS A 464 -4.96 -11.06 25.87
C LYS A 464 -4.46 -11.24 24.44
N LEU A 465 -4.57 -10.20 23.62
CA LEU A 465 -4.16 -10.21 22.22
C LEU A 465 -2.65 -10.21 22.13
N ASP A 466 -2.12 -10.84 21.07
CA ASP A 466 -0.68 -10.91 20.84
C ASP A 466 -0.20 -9.62 20.20
N TYR A 467 -0.16 -8.56 21.00
CA TYR A 467 0.33 -7.25 20.52
C TYR A 467 1.86 -7.24 20.62
N ASP A 468 2.52 -6.51 19.74
CA ASP A 468 3.97 -6.44 19.74
C ASP A 468 4.47 -5.05 19.33
N ALA A 469 5.68 -4.72 19.81
CA ALA A 469 6.28 -3.42 19.52
C ALA A 469 6.72 -3.29 18.07
N TYR A 470 7.01 -4.41 17.42
CA TYR A 470 7.70 -4.40 16.14
C TYR A 470 6.78 -4.74 14.98
N TYR A 471 5.69 -5.45 15.25
CA TYR A 471 4.74 -5.86 14.24
C TYR A 471 3.33 -5.67 14.78
N ALA A 472 2.45 -5.12 13.94
CA ALA A 472 1.06 -4.90 14.36
C ALA A 472 0.29 -6.21 14.40
N PHE A 473 -0.39 -6.47 15.52
CA PHE A 473 -1.07 -7.74 15.71
C PHE A 473 -2.21 -7.92 14.72
N TYR A 474 -2.77 -6.78 14.24
CA TYR A 474 -4.04 -6.76 13.49
C TYR A 474 -3.79 -7.24 12.08
N GLY A 475 -2.53 -7.07 11.71
CA GLY A 475 -2.09 -7.57 10.42
C GLY A 475 -2.33 -9.04 10.23
N ILE A 476 -1.89 -9.85 11.19
CA ILE A 476 -2.07 -11.29 11.05
C ILE A 476 -3.55 -11.66 11.17
N VAL A 477 -4.28 -10.93 12.01
CA VAL A 477 -5.71 -11.15 12.15
C VAL A 477 -6.40 -10.96 10.80
N GLU A 478 -6.07 -9.88 10.11
CA GLU A 478 -6.67 -9.65 8.81
C GLU A 478 -6.33 -10.79 7.86
N GLU A 479 -5.06 -11.23 7.85
CA GLU A 479 -4.70 -12.34 6.96
C GLU A 479 -5.34 -13.64 7.40
N MET A 480 -5.57 -13.81 8.70
CA MET A 480 -6.29 -14.99 9.14
C MET A 480 -7.73 -14.97 8.64
N LEU A 481 -8.41 -13.82 8.79
CA LEU A 481 -9.77 -13.73 8.30
C LEU A 481 -9.84 -13.91 6.80
N LYS A 482 -8.90 -13.32 6.05
CA LYS A 482 -8.92 -13.47 4.60
C LYS A 482 -8.68 -14.91 4.19
N PHE A 483 -7.80 -15.62 4.90
CA PHE A 483 -7.56 -17.01 4.57
C PHE A 483 -8.78 -17.90 4.82
N ILE A 484 -9.49 -17.72 5.93
CA ILE A 484 -10.59 -18.65 6.21
C ILE A 484 -11.78 -18.37 5.29
N HIS A 485 -12.01 -17.09 4.97
CA HIS A 485 -12.98 -16.72 3.96
C HIS A 485 -12.71 -17.44 2.65
N ARG A 486 -11.43 -17.37 2.20
CA ARG A 486 -10.95 -18.03 0.98
C ARG A 486 -11.16 -19.51 1.04
N ALA A 487 -10.74 -20.18 2.12
CA ALA A 487 -10.78 -21.63 2.19
C ALA A 487 -12.21 -22.17 2.12
N ASP A 488 -13.12 -21.51 2.84
CA ASP A 488 -14.53 -21.86 2.77
C ASP A 488 -15.11 -21.56 1.40
N ALA A 489 -14.74 -20.44 0.81
CA ALA A 489 -15.33 -20.05 -0.47
C ALA A 489 -14.93 -20.99 -1.59
N ILE A 490 -13.66 -21.40 -1.63
CA ILE A 490 -13.21 -22.21 -2.76
C ILE A 490 -13.87 -23.58 -2.76
N LYS A 491 -14.10 -24.20 -1.59
CA LYS A 491 -14.88 -25.44 -1.61
C LYS A 491 -16.29 -25.18 -2.10
N SER A 492 -16.81 -23.99 -1.87
CA SER A 492 -18.14 -23.64 -2.35
C SER A 492 -18.13 -23.45 -3.86
N TYR A 493 -17.02 -22.99 -4.42
CA TYR A 493 -16.96 -22.58 -5.83
C TYR A 493 -16.70 -23.75 -6.76
N CYS A 494 -15.71 -24.59 -6.44
CA CYS A 494 -15.29 -25.69 -7.30
C CYS A 494 -14.38 -26.62 -6.51
N GLU A 495 -14.73 -27.91 -6.45
CA GLU A 495 -13.96 -28.86 -5.66
C GLU A 495 -12.89 -29.59 -6.46
N ILE A 496 -12.70 -29.25 -7.73
CA ILE A 496 -11.58 -29.83 -8.48
C ILE A 496 -10.28 -29.41 -7.83
N PRO A 497 -9.36 -30.34 -7.54
CA PRO A 497 -8.14 -29.98 -6.80
C PRO A 497 -7.30 -28.98 -7.57
N LEU A 498 -6.73 -28.03 -6.84
CA LEU A 498 -5.90 -27.00 -7.47
C LEU A 498 -4.60 -27.61 -7.98
N PRO A 499 -4.11 -27.15 -9.14
CA PRO A 499 -2.87 -27.67 -9.76
C PRO A 499 -1.61 -27.10 -9.09
N ILE A 500 -1.37 -27.52 -7.86
CA ILE A 500 -0.33 -26.92 -7.02
C ILE A 500 0.97 -27.70 -7.19
N ILE A 501 2.06 -26.98 -7.41
CA ILE A 501 3.40 -27.56 -7.46
C ILE A 501 4.03 -27.39 -6.09
N LYS A 502 4.38 -28.51 -5.49
CA LYS A 502 4.80 -28.61 -4.09
C LYS A 502 6.27 -29.01 -4.08
N SER A 503 7.08 -28.29 -3.31
CA SER A 503 8.52 -28.43 -3.42
C SER A 503 9.04 -29.50 -2.44
N LYS A 504 10.00 -30.30 -2.91
CA LYS A 504 10.64 -31.32 -2.07
C LYS A 504 9.59 -32.32 -1.58
N LYS B 2 -13.32 18.43 -0.39
CA LYS B 2 -12.70 19.57 -1.08
C LYS B 2 -13.67 20.28 -2.02
N ILE B 3 -14.52 19.51 -2.70
CA ILE B 3 -15.47 20.12 -3.63
C ILE B 3 -16.56 20.83 -2.83
N GLU B 4 -16.77 22.11 -3.15
CA GLU B 4 -17.66 22.95 -2.37
C GLU B 4 -19.12 22.58 -2.60
N GLU B 5 -19.84 22.38 -1.49
CA GLU B 5 -21.23 21.95 -1.53
C GLU B 5 -22.14 23.13 -1.84
N GLY B 6 -23.29 22.84 -2.45
CA GLY B 6 -24.24 23.86 -2.79
C GLY B 6 -23.93 24.63 -4.04
N LYS B 7 -22.92 24.22 -4.80
CA LYS B 7 -22.49 24.95 -5.97
C LYS B 7 -22.10 23.91 -7.01
N LEU B 8 -22.12 24.31 -8.29
CA LEU B 8 -21.73 23.41 -9.37
C LEU B 8 -20.58 24.00 -10.17
N VAL B 9 -19.54 23.19 -10.34
CA VAL B 9 -18.37 23.51 -11.14
C VAL B 9 -18.36 22.55 -12.32
N ILE B 10 -18.30 23.09 -13.54
CA ILE B 10 -18.37 22.29 -14.75
C ILE B 10 -17.09 22.47 -15.55
N TRP B 11 -16.48 21.36 -15.96
CA TRP B 11 -15.36 21.37 -16.88
C TRP B 11 -15.80 20.91 -18.26
N ILE B 12 -15.44 21.69 -19.27
CA ILE B 12 -15.71 21.39 -20.67
C ILE B 12 -14.54 21.95 -21.47
N ASN B 13 -14.27 21.35 -22.62
CA ASN B 13 -13.12 21.76 -23.41
C ASN B 13 -13.30 23.16 -23.99
N GLY B 14 -12.16 23.84 -24.19
CA GLY B 14 -12.16 25.21 -24.68
C GLY B 14 -12.71 25.40 -26.08
N ASP B 15 -12.78 24.35 -26.90
CA ASP B 15 -13.32 24.50 -28.24
C ASP B 15 -14.83 24.30 -28.30
N LYS B 16 -15.47 24.09 -27.16
CA LYS B 16 -16.91 23.88 -27.07
C LYS B 16 -17.60 25.17 -26.65
N GLY B 17 -18.94 25.19 -26.80
CA GLY B 17 -19.74 26.35 -26.47
C GLY B 17 -19.93 26.61 -24.99
N TYR B 18 -18.81 26.97 -24.35
CA TYR B 18 -18.73 27.15 -22.88
C TYR B 18 -19.56 28.34 -22.41
N ASN B 19 -19.57 29.44 -23.15
CA ASN B 19 -20.38 30.61 -22.80
C ASN B 19 -21.86 30.27 -22.83
N GLY B 20 -22.29 29.56 -23.88
CA GLY B 20 -23.67 29.11 -23.95
C GLY B 20 -24.05 28.20 -22.79
N LEU B 21 -23.17 27.28 -22.43
CA LEU B 21 -23.42 26.42 -21.28
C LEU B 21 -23.53 27.24 -20.00
N ALA B 22 -22.69 28.27 -19.87
CA ALA B 22 -22.77 29.12 -18.69
C ALA B 22 -24.11 29.84 -18.59
N GLU B 23 -24.72 30.19 -19.72
CA GLU B 23 -26.01 30.87 -19.62
C GLU B 23 -27.13 29.90 -19.27
N VAL B 24 -27.00 28.62 -19.63
CA VAL B 24 -27.89 27.63 -19.05
C VAL B 24 -27.69 27.56 -17.54
N GLY B 25 -26.45 27.77 -17.07
CA GLY B 25 -26.21 27.84 -15.64
C GLY B 25 -26.94 28.99 -14.97
N LYS B 26 -27.00 30.14 -15.65
CA LYS B 26 -27.67 31.28 -15.05
C LYS B 26 -29.18 31.05 -14.99
N LYS B 27 -29.72 30.36 -15.98
CA LYS B 27 -31.10 29.89 -15.89
C LYS B 27 -31.27 28.96 -14.69
N PHE B 28 -30.25 28.14 -14.41
CA PHE B 28 -30.33 27.22 -13.28
C PHE B 28 -30.22 27.96 -11.95
N GLU B 29 -29.35 28.96 -11.86
CA GLU B 29 -29.26 29.79 -10.66
C GLU B 29 -30.54 30.57 -10.44
N LYS B 30 -31.05 31.17 -11.51
CA LYS B 30 -32.26 31.97 -11.43
C LYS B 30 -33.41 31.18 -10.81
N ASP B 31 -33.52 29.88 -11.14
CA ASP B 31 -34.62 29.08 -10.64
C ASP B 31 -34.35 28.48 -9.26
N THR B 32 -33.10 28.15 -8.95
CA THR B 32 -32.79 27.39 -7.74
C THR B 32 -31.88 28.13 -6.77
N GLY B 33 -31.28 29.23 -7.17
CA GLY B 33 -30.33 29.93 -6.32
C GLY B 33 -28.93 29.36 -6.33
N ILE B 34 -28.68 28.27 -7.06
CA ILE B 34 -27.38 27.60 -7.07
C ILE B 34 -26.51 28.17 -8.19
N LYS B 35 -25.35 28.72 -7.82
CA LYS B 35 -24.43 29.21 -8.84
C LYS B 35 -23.79 28.05 -9.57
N VAL B 36 -23.59 28.24 -10.88
CA VAL B 36 -22.98 27.28 -11.78
C VAL B 36 -21.79 27.95 -12.43
N THR B 37 -20.59 27.41 -12.23
CA THR B 37 -19.36 27.95 -12.79
C THR B 37 -18.82 27.01 -13.87
N VAL B 38 -18.58 27.55 -15.06
CA VAL B 38 -18.10 26.78 -16.21
C VAL B 38 -16.64 27.13 -16.46
N GLU B 39 -15.78 26.11 -16.44
CA GLU B 39 -14.35 26.27 -16.67
C GLU B 39 -13.89 25.40 -17.85
N HIS B 40 -12.84 25.85 -18.52
CA HIS B 40 -12.24 25.11 -19.62
C HIS B 40 -10.72 25.09 -19.47
N PRO B 41 -10.22 24.38 -18.45
CA PRO B 41 -8.76 24.32 -18.26
C PRO B 41 -8.09 23.50 -19.35
N ASP B 42 -6.85 23.86 -19.63
CA ASP B 42 -6.04 23.14 -20.59
C ASP B 42 -5.80 21.71 -20.12
N LYS B 43 -5.84 20.76 -21.06
CA LYS B 43 -5.62 19.35 -20.79
C LYS B 43 -6.47 18.88 -19.60
N LEU B 44 -7.75 19.27 -19.62
CA LEU B 44 -8.63 18.92 -18.51
C LEU B 44 -8.87 17.42 -18.43
N GLU B 45 -8.77 16.72 -19.56
CA GLU B 45 -9.02 15.29 -19.56
C GLU B 45 -7.90 14.52 -18.89
N GLU B 46 -6.72 15.13 -18.75
CA GLU B 46 -5.62 14.55 -17.99
C GLU B 46 -5.54 15.11 -16.58
N LYS B 47 -5.96 16.37 -16.38
CA LYS B 47 -6.04 16.92 -15.04
C LYS B 47 -7.12 16.21 -14.22
N PHE B 48 -8.25 15.87 -14.84
CA PHE B 48 -9.37 15.31 -14.09
C PHE B 48 -9.02 14.09 -13.26
N PRO B 49 -8.35 13.05 -13.80
CA PRO B 49 -8.03 11.88 -12.95
C PRO B 49 -7.14 12.24 -11.78
N GLN B 50 -6.24 13.20 -11.97
CA GLN B 50 -5.28 13.56 -10.94
C GLN B 50 -5.96 14.25 -9.76
N VAL B 51 -6.98 15.07 -10.03
CA VAL B 51 -7.59 15.88 -8.98
C VAL B 51 -8.84 15.21 -8.42
N ALA B 52 -9.49 14.36 -9.24
CA ALA B 52 -10.64 13.62 -8.74
C ALA B 52 -10.21 12.57 -7.73
N ALA B 53 -9.05 11.93 -7.96
CA ALA B 53 -8.54 10.93 -7.03
C ALA B 53 -8.33 11.51 -5.64
N THR B 54 -7.97 12.80 -5.55
CA THR B 54 -7.83 13.48 -4.28
C THR B 54 -9.15 14.08 -3.81
N GLY B 55 -10.27 13.62 -4.36
CA GLY B 55 -11.58 14.14 -3.98
C GLY B 55 -11.80 15.59 -4.35
N ASP B 56 -11.12 16.06 -5.38
CA ASP B 56 -11.22 17.46 -5.81
C ASP B 56 -11.67 17.49 -7.28
N GLY B 57 -11.66 18.68 -7.89
CA GLY B 57 -12.03 18.81 -9.29
C GLY B 57 -13.44 19.37 -9.47
N PRO B 58 -13.99 19.23 -10.67
CA PRO B 58 -15.31 19.81 -10.98
C PRO B 58 -16.43 18.87 -10.52
N ASP B 59 -17.66 19.40 -10.47
CA ASP B 59 -18.74 18.47 -10.18
C ASP B 59 -19.15 17.72 -11.43
N ILE B 60 -19.03 18.37 -12.59
CA ILE B 60 -19.39 17.80 -13.87
C ILE B 60 -18.22 17.99 -14.82
N ILE B 61 -17.93 16.95 -15.61
CA ILE B 61 -16.92 17.03 -16.66
C ILE B 61 -17.57 16.64 -17.99
N PHE B 62 -17.35 17.47 -19.02
CA PHE B 62 -17.76 17.10 -20.38
C PHE B 62 -16.53 16.63 -21.17
N TRP B 63 -16.68 15.51 -21.87
CA TRP B 63 -15.60 15.04 -22.73
C TRP B 63 -16.13 13.90 -23.58
N ALA B 64 -15.37 13.55 -24.62
CA ALA B 64 -15.68 12.37 -25.43
C ALA B 64 -15.80 11.13 -24.55
N HIS B 65 -16.80 10.31 -24.85
CA HIS B 65 -17.11 9.17 -23.99
C HIS B 65 -15.95 8.20 -23.82
N ASP B 66 -15.09 8.07 -24.84
CA ASP B 66 -14.06 7.03 -24.78
C ASP B 66 -13.10 7.28 -23.61
N ARG B 67 -12.83 8.53 -23.30
CA ARG B 67 -11.92 8.81 -22.20
C ARG B 67 -12.54 8.42 -20.85
N PHE B 68 -13.87 8.43 -20.75
CA PHE B 68 -14.52 8.12 -19.48
C PHE B 68 -14.37 6.67 -19.06
N GLY B 69 -13.94 5.79 -19.96
CA GLY B 69 -13.73 4.40 -19.55
C GLY B 69 -12.65 4.26 -18.50
N GLY B 70 -11.53 4.97 -18.68
CA GLY B 70 -10.49 4.97 -17.67
C GLY B 70 -10.94 5.61 -16.36
N TYR B 71 -11.79 6.64 -16.45
CA TYR B 71 -12.28 7.30 -15.24
C TYR B 71 -13.11 6.33 -14.42
N ALA B 72 -14.04 5.64 -15.07
CA ALA B 72 -14.88 4.67 -14.38
C ALA B 72 -14.07 3.50 -13.85
N GLN B 73 -13.04 3.06 -14.59
CA GLN B 73 -12.19 1.99 -14.07
C GLN B 73 -11.65 2.35 -12.71
N SER B 74 -11.32 3.63 -12.51
CA SER B 74 -10.77 4.15 -11.28
C SER B 74 -11.85 4.62 -10.31
N GLY B 75 -13.13 4.36 -10.61
CA GLY B 75 -14.20 4.79 -9.74
C GLY B 75 -14.37 6.29 -9.63
N LEU B 76 -13.93 7.03 -10.64
CA LEU B 76 -13.93 8.49 -10.57
C LEU B 76 -15.25 9.10 -11.00
N LEU B 77 -16.17 8.31 -11.54
CA LEU B 77 -17.43 8.82 -12.06
C LEU B 77 -18.57 8.21 -11.28
N ALA B 78 -19.55 9.06 -10.95
CA ALA B 78 -20.76 8.57 -10.31
C ALA B 78 -21.60 7.76 -11.28
N GLU B 79 -22.25 6.74 -10.76
CA GLU B 79 -23.17 5.95 -11.55
C GLU B 79 -24.49 6.70 -11.62
N ILE B 80 -24.93 7.05 -12.83
CA ILE B 80 -26.10 7.92 -12.98
C ILE B 80 -27.34 7.05 -13.09
N THR B 81 -28.50 7.67 -12.87
CA THR B 81 -29.77 6.94 -12.82
C THR B 81 -30.90 7.72 -13.48
N PRO B 82 -30.83 7.92 -14.80
CA PRO B 82 -31.97 8.54 -15.50
C PRO B 82 -33.14 7.57 -15.59
N ALA B 83 -34.34 8.10 -15.51
CA ALA B 83 -35.53 7.28 -15.62
C ALA B 83 -35.66 6.72 -17.04
N ALA B 84 -36.42 5.61 -17.14
CA ALA B 84 -36.59 4.94 -18.42
C ALA B 84 -37.14 5.89 -19.48
N ALA B 85 -38.16 6.67 -19.12
CA ALA B 85 -38.75 7.61 -20.07
C ALA B 85 -37.74 8.66 -20.51
N PHE B 86 -36.92 9.15 -19.57
CA PHE B 86 -35.88 10.10 -19.94
C PHE B 86 -34.94 9.50 -20.97
N GLN B 87 -34.57 8.24 -20.79
CA GLN B 87 -33.62 7.63 -21.72
C GLN B 87 -34.22 7.55 -23.12
N ASP B 88 -35.53 7.33 -23.26
CA ASP B 88 -36.06 7.31 -24.62
C ASP B 88 -35.98 8.66 -25.32
N LYS B 89 -35.75 9.75 -24.59
CA LYS B 89 -35.56 11.04 -25.24
C LYS B 89 -34.25 11.11 -26.00
N LEU B 90 -33.36 10.13 -25.81
CA LEU B 90 -32.06 10.08 -26.45
C LEU B 90 -31.97 8.84 -27.32
N TYR B 91 -31.13 8.92 -28.37
CA TYR B 91 -30.99 7.80 -29.28
C TYR B 91 -30.37 6.62 -28.55
N PRO B 92 -30.92 5.41 -28.70
CA PRO B 92 -30.44 4.28 -27.89
C PRO B 92 -28.96 4.03 -28.04
N PHE B 93 -28.40 4.18 -29.24
CA PHE B 93 -26.99 3.84 -29.41
C PHE B 93 -26.10 4.80 -28.64
N THR B 94 -26.55 6.04 -28.41
CA THR B 94 -25.74 6.96 -27.62
C THR B 94 -25.60 6.47 -26.18
N TRP B 95 -26.62 5.79 -25.63
CA TRP B 95 -26.47 5.25 -24.28
C TRP B 95 -25.41 4.15 -24.23
N ASP B 96 -25.24 3.40 -25.32
CA ASP B 96 -24.18 2.39 -25.31
C ASP B 96 -22.81 3.04 -25.09
N ALA B 97 -22.61 4.23 -25.65
CA ALA B 97 -21.32 4.90 -25.52
C ALA B 97 -20.97 5.23 -24.07
N VAL B 98 -21.95 5.31 -23.17
CA VAL B 98 -21.71 5.74 -21.79
C VAL B 98 -21.99 4.61 -20.81
N ARG B 99 -21.99 3.36 -21.26
CA ARG B 99 -21.96 2.22 -20.36
C ARG B 99 -20.52 1.82 -20.15
N TYR B 100 -20.15 1.59 -18.90
CA TYR B 100 -18.85 1.00 -18.61
C TYR B 100 -19.07 -0.24 -17.77
N ASN B 101 -18.68 -1.38 -18.31
CA ASN B 101 -18.84 -2.66 -17.64
C ASN B 101 -20.26 -2.81 -17.12
N GLY B 102 -21.24 -2.38 -17.92
CA GLY B 102 -22.64 -2.50 -17.59
C GLY B 102 -23.23 -1.34 -16.83
N LYS B 103 -22.42 -0.36 -16.46
CA LYS B 103 -22.88 0.76 -15.62
C LYS B 103 -23.05 2.01 -16.48
N LEU B 104 -24.20 2.69 -16.33
CA LEU B 104 -24.35 4.01 -16.94
C LEU B 104 -23.57 5.03 -16.14
N ILE B 105 -22.60 5.70 -16.77
CA ILE B 105 -21.69 6.54 -16.03
C ILE B 105 -21.57 7.96 -16.56
N ALA B 106 -22.42 8.34 -17.53
CA ALA B 106 -22.40 9.72 -18.04
C ALA B 106 -23.67 9.97 -18.83
N TYR B 107 -23.95 11.25 -19.13
CA TYR B 107 -25.07 11.48 -20.03
C TYR B 107 -24.58 11.82 -21.42
N PRO B 108 -25.11 11.16 -22.45
CA PRO B 108 -24.76 11.52 -23.82
C PRO B 108 -25.25 12.92 -24.18
N ILE B 109 -24.41 13.67 -24.89
CA ILE B 109 -24.75 15.03 -25.28
C ILE B 109 -24.77 15.16 -26.80
N ALA B 110 -23.63 14.94 -27.45
CA ALA B 110 -23.49 15.15 -28.89
C ALA B 110 -22.76 13.99 -29.54
N VAL B 111 -22.90 13.93 -30.86
CA VAL B 111 -22.46 12.82 -31.68
C VAL B 111 -21.60 13.34 -32.82
N GLU B 112 -20.41 12.77 -33.00
CA GLU B 112 -19.62 13.07 -34.18
C GLU B 112 -19.05 11.82 -34.80
N ALA B 113 -18.93 11.86 -36.12
CA ALA B 113 -18.28 10.82 -36.91
C ALA B 113 -17.81 11.45 -38.21
N LEU B 114 -16.91 10.74 -38.91
CA LEU B 114 -16.49 11.18 -40.24
C LEU B 114 -17.66 11.12 -41.21
N SER B 115 -17.58 11.91 -42.27
CA SER B 115 -18.50 11.81 -43.39
C SER B 115 -17.73 11.95 -44.69
N LEU B 116 -18.47 11.78 -45.79
CA LEU B 116 -17.97 12.11 -47.11
C LEU B 116 -18.23 13.59 -47.41
N ILE B 117 -17.17 14.33 -47.70
CA ILE B 117 -17.27 15.75 -48.00
C ILE B 117 -16.94 15.92 -49.47
N TYR B 118 -17.83 16.58 -50.21
CA TYR B 118 -17.72 16.57 -51.65
C TYR B 118 -17.97 17.96 -52.18
N ASN B 119 -17.36 18.24 -53.34
CA ASN B 119 -17.45 19.53 -54.00
C ASN B 119 -18.63 19.51 -54.97
N LYS B 120 -19.66 20.30 -54.65
CA LYS B 120 -20.90 20.26 -55.43
C LYS B 120 -20.67 20.71 -56.86
N ASP B 121 -19.76 21.65 -57.07
CA ASP B 121 -19.50 22.15 -58.42
C ASP B 121 -18.82 21.09 -59.27
N LEU B 122 -17.81 20.42 -58.71
CA LEU B 122 -17.11 19.36 -59.43
C LEU B 122 -17.91 18.07 -59.50
N LEU B 123 -18.77 17.83 -58.50
CA LEU B 123 -19.40 16.53 -58.32
C LEU B 123 -20.77 16.75 -57.73
N PRO B 124 -21.76 17.08 -58.56
CA PRO B 124 -23.12 17.25 -58.03
C PRO B 124 -23.66 15.99 -57.37
N ASN B 125 -23.29 14.81 -57.88
CA ASN B 125 -23.88 13.54 -57.49
C ASN B 125 -22.76 12.62 -57.01
N PRO B 126 -22.36 12.74 -55.74
CA PRO B 126 -21.20 12.00 -55.27
C PRO B 126 -21.46 10.48 -55.32
N PRO B 127 -20.39 9.69 -55.43
CA PRO B 127 -20.58 8.24 -55.55
C PRO B 127 -21.18 7.64 -54.30
N LYS B 128 -21.99 6.57 -54.49
CA LYS B 128 -22.54 5.83 -53.37
C LYS B 128 -21.65 4.65 -52.95
N THR B 129 -20.78 4.17 -53.83
CA THR B 129 -19.94 3.04 -53.53
C THR B 129 -18.47 3.43 -53.65
N TRP B 130 -17.64 2.78 -52.84
CA TRP B 130 -16.19 2.88 -53.04
C TRP B 130 -15.80 2.34 -54.40
N GLU B 131 -16.45 1.27 -54.84
CA GLU B 131 -16.07 0.58 -56.06
C GLU B 131 -16.16 1.48 -57.30
N GLU B 132 -16.98 2.54 -57.26
CA GLU B 132 -17.17 3.34 -58.44
C GLU B 132 -16.24 4.54 -58.46
N ILE B 133 -15.40 4.72 -57.44
CA ILE B 133 -14.44 5.81 -57.34
C ILE B 133 -13.27 5.66 -58.31
N PRO B 134 -12.74 4.45 -58.60
CA PRO B 134 -11.72 4.37 -59.66
C PRO B 134 -12.17 4.99 -60.97
N ALA B 135 -13.35 4.60 -61.46
CA ALA B 135 -13.90 5.17 -62.69
C ALA B 135 -14.11 6.67 -62.57
N LEU B 136 -14.63 7.13 -61.43
CA LEU B 136 -14.81 8.56 -61.23
C LEU B 136 -13.49 9.31 -61.31
N ASP B 137 -12.40 8.68 -60.88
CA ASP B 137 -11.10 9.33 -60.90
C ASP B 137 -10.56 9.43 -62.33
N LYS B 138 -10.78 8.41 -63.16
CA LYS B 138 -10.44 8.53 -64.58
C LYS B 138 -11.06 9.78 -65.17
N GLU B 139 -12.37 9.95 -64.98
CA GLU B 139 -13.09 11.06 -65.60
C GLU B 139 -12.55 12.41 -65.12
N LEU B 140 -12.40 12.55 -63.81
CA LEU B 140 -11.95 13.81 -63.24
C LEU B 140 -10.49 14.09 -63.56
N LYS B 141 -9.66 13.04 -63.75
CA LYS B 141 -8.27 13.28 -64.14
C LYS B 141 -8.18 13.90 -65.54
N ALA B 142 -9.05 13.50 -66.45
CA ALA B 142 -9.07 14.11 -67.78
C ALA B 142 -9.50 15.58 -67.75
N LYS B 143 -10.18 16.02 -66.69
CA LYS B 143 -10.50 17.43 -66.53
C LYS B 143 -9.51 18.14 -65.62
N GLY B 144 -8.44 17.47 -65.23
CA GLY B 144 -7.43 18.09 -64.39
C GLY B 144 -7.68 18.03 -62.90
N LYS B 145 -8.47 17.06 -62.43
CA LYS B 145 -8.82 16.94 -61.02
C LYS B 145 -8.61 15.49 -60.58
N SER B 146 -8.85 15.24 -59.29
CA SER B 146 -8.86 13.88 -58.76
C SER B 146 -10.16 13.67 -58.00
N ALA B 147 -10.55 12.40 -57.87
CA ALA B 147 -11.79 12.07 -57.17
C ALA B 147 -11.70 12.37 -55.67
N LEU B 148 -10.67 11.84 -55.00
CA LEU B 148 -10.70 11.68 -53.55
C LEU B 148 -9.33 11.87 -52.93
N MET B 149 -9.27 12.68 -51.86
CA MET B 149 -8.07 12.77 -51.04
C MET B 149 -8.44 12.82 -49.57
N PHE B 150 -7.91 11.90 -48.79
CA PHE B 150 -8.07 11.96 -47.35
C PHE B 150 -6.82 11.41 -46.66
N ASN B 151 -6.71 11.76 -45.39
CA ASN B 151 -5.58 11.37 -44.53
C ASN B 151 -5.42 9.87 -44.49
N LEU B 152 -4.33 9.35 -45.04
CA LEU B 152 -4.04 7.92 -45.05
C LEU B 152 -3.02 7.52 -43.99
N GLN B 153 -2.51 8.47 -43.20
CA GLN B 153 -1.49 8.15 -42.22
C GLN B 153 -2.08 7.63 -40.92
N GLU B 154 -3.31 8.02 -40.58
CA GLU B 154 -3.89 7.73 -39.27
C GLU B 154 -5.07 6.78 -39.40
N PRO B 155 -5.08 5.66 -38.67
CA PRO B 155 -6.11 4.64 -38.91
C PRO B 155 -7.52 5.13 -38.61
N TYR B 156 -7.66 6.16 -37.78
CA TYR B 156 -8.98 6.75 -37.56
C TYR B 156 -9.65 7.08 -38.90
N PHE B 157 -8.89 7.60 -39.87
CA PHE B 157 -9.56 7.95 -41.11
C PHE B 157 -9.72 6.79 -42.09
N THR B 158 -8.83 5.81 -42.06
CA THR B 158 -8.93 4.69 -42.99
C THR B 158 -9.79 3.56 -42.48
N TRP B 159 -10.03 3.52 -41.16
CA TRP B 159 -10.80 2.42 -40.58
C TRP B 159 -12.22 2.30 -41.12
N PRO B 160 -12.96 3.38 -41.48
CA PRO B 160 -14.31 3.17 -42.02
C PRO B 160 -14.36 2.21 -43.19
N LEU B 161 -13.41 2.32 -44.12
CA LEU B 161 -13.33 1.37 -45.22
C LEU B 161 -12.99 -0.03 -44.72
N ILE B 162 -11.96 -0.15 -43.86
CA ILE B 162 -11.48 -1.47 -43.44
C ILE B 162 -12.55 -2.22 -42.66
N ALA B 163 -13.40 -1.50 -41.93
CA ALA B 163 -14.37 -2.15 -41.06
C ALA B 163 -15.64 -2.56 -41.80
N ALA B 164 -15.92 -1.94 -42.94
CA ALA B 164 -17.22 -2.06 -43.59
C ALA B 164 -17.63 -3.51 -43.81
N ASP B 165 -16.69 -4.36 -44.21
CA ASP B 165 -16.99 -5.74 -44.55
C ASP B 165 -16.67 -6.71 -43.41
N GLY B 166 -16.32 -6.20 -42.22
CA GLY B 166 -16.23 -7.07 -41.06
C GLY B 166 -15.15 -6.77 -40.05
N GLY B 167 -14.33 -5.75 -40.29
CA GLY B 167 -13.34 -5.36 -39.30
C GLY B 167 -13.97 -4.67 -38.11
N TYR B 168 -13.38 -4.89 -36.94
CA TYR B 168 -13.74 -4.21 -35.71
C TYR B 168 -12.51 -4.20 -34.81
N ALA B 169 -12.52 -3.31 -33.81
CA ALA B 169 -11.39 -3.26 -32.87
C ALA B 169 -11.52 -4.30 -31.77
N PHE B 170 -12.52 -4.15 -30.91
CA PHE B 170 -12.80 -5.12 -29.86
C PHE B 170 -14.27 -5.46 -29.94
N LYS B 171 -14.58 -6.75 -29.84
CA LYS B 171 -15.96 -7.20 -29.97
C LYS B 171 -16.79 -6.60 -28.84
N TYR B 172 -17.96 -6.07 -29.19
CA TYR B 172 -18.86 -5.48 -28.21
C TYR B 172 -20.04 -6.41 -27.96
N ALA B 173 -20.45 -6.49 -26.70
CA ALA B 173 -21.66 -7.24 -26.36
C ALA B 173 -22.11 -6.78 -24.97
N ALA B 174 -23.27 -6.11 -24.92
CA ALA B 174 -24.00 -5.88 -23.67
C ALA B 174 -23.17 -5.11 -22.65
N GLY B 175 -22.63 -3.96 -23.06
CA GLY B 175 -21.90 -3.09 -22.16
C GLY B 175 -20.48 -3.54 -21.83
N LYS B 176 -19.95 -4.53 -22.55
CA LYS B 176 -18.65 -5.07 -22.20
C LYS B 176 -17.84 -5.31 -23.46
N TYR B 177 -16.60 -4.82 -23.48
CA TYR B 177 -15.67 -5.15 -24.54
C TYR B 177 -14.83 -6.37 -24.15
N ASP B 178 -14.58 -7.23 -25.13
CA ASP B 178 -13.76 -8.43 -24.97
C ASP B 178 -12.39 -8.15 -25.61
N ILE B 179 -11.38 -7.87 -24.79
CA ILE B 179 -10.08 -7.51 -25.36
C ILE B 179 -9.40 -8.74 -25.95
N LYS B 180 -9.96 -9.92 -25.76
CA LYS B 180 -9.42 -11.06 -26.46
C LYS B 180 -10.00 -11.25 -27.86
N ASP B 181 -10.99 -10.46 -28.25
CA ASP B 181 -11.68 -10.65 -29.52
C ASP B 181 -11.43 -9.42 -30.37
N VAL B 182 -10.32 -9.46 -31.13
CA VAL B 182 -9.89 -8.36 -31.98
C VAL B 182 -10.18 -8.75 -33.43
N GLY B 183 -10.77 -7.82 -34.17
CA GLY B 183 -11.16 -8.06 -35.54
C GLY B 183 -10.30 -7.34 -36.57
N VAL B 184 -8.98 -7.41 -36.41
CA VAL B 184 -8.06 -6.67 -37.28
C VAL B 184 -7.64 -7.50 -38.49
N ASP B 185 -7.44 -8.81 -38.37
CA ASP B 185 -6.99 -9.60 -39.52
C ASP B 185 -8.05 -10.56 -40.03
N ASN B 186 -9.32 -10.22 -39.91
CA ASN B 186 -10.34 -11.10 -40.47
C ASN B 186 -10.55 -10.76 -41.94
N ALA B 187 -11.34 -11.60 -42.63
CA ALA B 187 -11.48 -11.47 -44.07
C ALA B 187 -12.06 -10.11 -44.45
N GLY B 188 -12.98 -9.59 -43.65
CA GLY B 188 -13.53 -8.26 -43.93
C GLY B 188 -12.47 -7.18 -43.90
N ALA B 189 -11.64 -7.17 -42.86
CA ALA B 189 -10.59 -6.17 -42.76
C ALA B 189 -9.60 -6.30 -43.90
N LYS B 190 -9.31 -7.52 -44.32
CA LYS B 190 -8.41 -7.73 -45.45
C LYS B 190 -9.04 -7.23 -46.75
N ALA B 191 -10.31 -7.57 -46.98
CA ALA B 191 -11.00 -7.07 -48.16
C ALA B 191 -10.95 -5.55 -48.25
N GLY B 192 -11.31 -4.88 -47.15
CA GLY B 192 -11.36 -3.42 -47.18
C GLY B 192 -9.99 -2.79 -47.39
N LEU B 193 -8.97 -3.28 -46.68
CA LEU B 193 -7.64 -2.73 -46.84
C LEU B 193 -7.07 -3.08 -48.20
N THR B 194 -7.36 -4.29 -48.70
CA THR B 194 -7.00 -4.62 -50.07
C THR B 194 -7.53 -3.58 -51.04
N PHE B 195 -8.78 -3.17 -50.84
CA PHE B 195 -9.37 -2.15 -51.73
C PHE B 195 -8.64 -0.82 -51.53
N LEU B 196 -8.22 -0.51 -50.32
CA LEU B 196 -7.47 0.72 -50.12
C LEU B 196 -6.14 0.69 -50.87
N VAL B 197 -5.39 -0.41 -50.78
CA VAL B 197 -4.05 -0.43 -51.36
C VAL B 197 -4.12 -0.41 -52.88
N ASP B 198 -5.12 -1.08 -53.45
CA ASP B 198 -5.27 -1.06 -54.90
C ASP B 198 -5.59 0.34 -55.40
N LEU B 199 -6.38 1.11 -54.66
CA LEU B 199 -6.58 2.51 -55.04
C LEU B 199 -5.25 3.22 -55.19
N ILE B 200 -4.30 2.90 -54.30
CA ILE B 200 -2.99 3.54 -54.33
C ILE B 200 -2.14 3.00 -55.48
N LYS B 201 -2.18 1.69 -55.70
CA LYS B 201 -1.39 1.12 -56.79
C LYS B 201 -1.86 1.65 -58.14
N ASN B 202 -3.18 1.78 -58.32
CA ASN B 202 -3.73 2.29 -59.56
C ASN B 202 -3.70 3.81 -59.65
N LYS B 203 -3.00 4.48 -58.72
CA LYS B 203 -2.67 5.91 -58.77
C LYS B 203 -3.86 6.81 -58.48
N HIS B 204 -4.98 6.26 -58.01
CA HIS B 204 -6.11 7.12 -57.63
C HIS B 204 -5.84 7.84 -56.32
N MET B 205 -4.97 7.30 -55.46
CA MET B 205 -4.51 8.03 -54.29
C MET B 205 -3.03 7.75 -54.07
N ASN B 206 -2.36 8.73 -53.44
CA ASN B 206 -0.96 8.67 -53.00
C ASN B 206 -0.89 8.20 -51.56
N ALA B 207 -0.02 7.22 -51.27
CA ALA B 207 0.07 6.71 -49.91
C ALA B 207 0.69 7.70 -48.93
N ASP B 208 1.30 8.77 -49.41
CA ASP B 208 1.92 9.77 -48.56
C ASP B 208 0.96 10.89 -48.15
N THR B 209 -0.26 10.87 -48.66
CA THR B 209 -1.20 11.94 -48.36
C THR B 209 -1.59 11.94 -46.89
N ASP B 210 -1.46 13.10 -46.25
CA ASP B 210 -1.76 13.24 -44.83
C ASP B 210 -2.90 14.24 -44.64
N TYR B 211 -3.18 14.59 -43.40
CA TYR B 211 -4.32 15.47 -43.12
C TYR B 211 -4.15 16.88 -43.72
N SER B 212 -2.98 17.49 -43.59
CA SER B 212 -2.88 18.84 -44.15
C SER B 212 -2.88 18.82 -45.67
N ILE B 213 -2.32 17.78 -46.30
CA ILE B 213 -2.29 17.71 -47.77
C ILE B 213 -3.70 17.57 -48.33
N ALA B 214 -4.46 16.59 -47.82
CA ALA B 214 -5.83 16.41 -48.29
C ALA B 214 -6.66 17.65 -48.03
N GLU B 215 -6.49 18.27 -46.87
CA GLU B 215 -7.28 19.45 -46.54
C GLU B 215 -7.01 20.58 -47.52
N ALA B 216 -5.73 20.81 -47.85
CA ALA B 216 -5.39 21.84 -48.82
C ALA B 216 -5.95 21.52 -50.19
N ALA B 217 -5.86 20.25 -50.59
CA ALA B 217 -6.30 19.87 -51.93
C ALA B 217 -7.80 20.10 -52.09
N PHE B 218 -8.59 19.69 -51.10
CA PHE B 218 -10.04 19.91 -51.19
C PHE B 218 -10.37 21.39 -51.11
N ASN B 219 -9.78 22.10 -50.13
CA ASN B 219 -10.17 23.49 -49.95
C ASN B 219 -9.64 24.41 -51.05
N LYS B 220 -8.79 23.92 -51.96
CA LYS B 220 -8.35 24.65 -53.13
C LYS B 220 -9.08 24.23 -54.40
N GLY B 221 -9.99 23.25 -54.31
CA GLY B 221 -10.71 22.81 -55.49
C GLY B 221 -9.97 21.84 -56.38
N GLU B 222 -8.96 21.15 -55.86
CA GLU B 222 -8.13 20.26 -56.66
C GLU B 222 -8.62 18.82 -56.66
N THR B 223 -9.42 18.43 -55.68
CA THR B 223 -9.98 17.09 -55.62
C THR B 223 -11.46 17.23 -55.30
N ALA B 224 -12.25 16.27 -55.79
CA ALA B 224 -13.69 16.39 -55.68
C ALA B 224 -14.20 16.01 -54.29
N MET B 225 -13.46 15.19 -53.55
CA MET B 225 -13.96 14.62 -52.31
C MET B 225 -12.86 14.58 -51.27
N THR B 226 -13.27 14.64 -50.00
CA THR B 226 -12.41 14.27 -48.89
C THR B 226 -13.26 13.58 -47.84
N ILE B 227 -12.61 12.92 -46.90
CA ILE B 227 -13.28 12.29 -45.77
C ILE B 227 -12.83 12.99 -44.52
N ASN B 228 -13.75 13.67 -43.85
CA ASN B 228 -13.34 14.46 -42.71
C ASN B 228 -14.56 14.74 -41.84
N GLY B 229 -14.30 15.31 -40.65
CA GLY B 229 -15.35 15.50 -39.68
C GLY B 229 -15.75 16.95 -39.51
N PRO B 230 -16.73 17.18 -38.62
CA PRO B 230 -17.29 18.53 -38.47
C PRO B 230 -16.30 19.57 -38.02
N TRP B 231 -15.19 19.16 -37.39
CA TRP B 231 -14.15 20.12 -37.02
C TRP B 231 -13.50 20.77 -38.24
N ALA B 232 -13.69 20.21 -39.44
CA ALA B 232 -13.06 20.72 -40.64
C ALA B 232 -13.96 21.66 -41.45
N TRP B 233 -15.23 21.80 -41.06
CA TRP B 233 -16.17 22.59 -41.86
C TRP B 233 -15.79 24.07 -41.84
N SER B 234 -15.29 24.56 -40.71
CA SER B 234 -14.98 25.98 -40.59
C SER B 234 -13.96 26.39 -41.66
N ASN B 235 -12.89 25.62 -41.81
CA ASN B 235 -11.89 25.97 -42.82
C ASN B 235 -12.47 25.92 -44.22
N ILE B 236 -13.34 24.95 -44.50
CA ILE B 236 -13.95 24.88 -45.82
C ILE B 236 -14.87 26.08 -46.03
N ASP B 237 -15.64 26.43 -44.99
CA ASP B 237 -16.46 27.64 -45.04
C ASP B 237 -15.62 28.84 -45.49
N THR B 238 -14.47 29.02 -44.85
CA THR B 238 -13.61 30.14 -45.19
C THR B 238 -13.14 30.07 -46.64
N SER B 239 -12.91 28.87 -47.17
CA SER B 239 -12.32 28.77 -48.49
C SER B 239 -13.29 29.16 -49.59
N ALA B 240 -14.59 29.18 -49.31
CA ALA B 240 -15.68 29.48 -50.24
C ALA B 240 -15.96 28.35 -51.22
N VAL B 241 -15.38 27.15 -51.05
CA VAL B 241 -15.82 25.99 -51.81
C VAL B 241 -17.27 25.67 -51.44
N ASN B 242 -18.07 25.30 -52.44
CA ASN B 242 -19.44 24.85 -52.18
C ASN B 242 -19.39 23.35 -51.92
N TYR B 243 -19.49 22.96 -50.67
CA TYR B 243 -19.32 21.56 -50.30
C TYR B 243 -20.63 21.00 -49.75
N GLY B 244 -20.82 19.71 -49.98
CA GLY B 244 -21.88 18.98 -49.35
C GLY B 244 -21.27 17.95 -48.42
N VAL B 245 -22.03 17.54 -47.41
CA VAL B 245 -21.62 16.49 -46.49
C VAL B 245 -22.68 15.40 -46.58
N THR B 246 -22.25 14.15 -46.73
CA THR B 246 -23.18 13.09 -47.03
C THR B 246 -22.68 11.76 -46.45
N VAL B 247 -23.52 10.73 -46.60
CA VAL B 247 -23.19 9.40 -46.12
C VAL B 247 -21.93 8.90 -46.83
N LEU B 248 -21.05 8.24 -46.07
CA LEU B 248 -19.86 7.66 -46.63
C LEU B 248 -20.24 6.60 -47.66
N PRO B 249 -19.37 6.31 -48.63
CA PRO B 249 -19.67 5.25 -49.59
C PRO B 249 -19.78 3.90 -48.89
N THR B 250 -20.58 3.02 -49.48
CA THR B 250 -20.58 1.63 -49.08
C THR B 250 -19.36 0.91 -49.66
N PHE B 251 -19.04 -0.24 -49.06
CA PHE B 251 -18.05 -1.15 -49.62
C PHE B 251 -18.62 -2.55 -49.61
N LYS B 252 -18.53 -3.24 -50.75
CA LYS B 252 -19.12 -4.55 -50.94
C LYS B 252 -20.59 -4.53 -50.51
N GLY B 253 -21.26 -3.43 -50.76
CA GLY B 253 -22.65 -3.28 -50.45
C GLY B 253 -22.97 -2.88 -49.02
N GLN B 254 -21.99 -2.87 -48.14
CA GLN B 254 -22.26 -2.61 -46.72
C GLN B 254 -21.70 -1.24 -46.36
N PRO B 255 -22.30 -0.53 -45.43
CA PRO B 255 -21.84 0.85 -45.17
C PRO B 255 -20.47 0.90 -44.52
N SER B 256 -19.73 1.96 -44.82
CA SER B 256 -18.52 2.25 -44.07
C SER B 256 -18.88 2.53 -42.62
N LYS B 257 -17.99 2.12 -41.71
CA LYS B 257 -18.25 2.09 -40.28
C LYS B 257 -17.26 3.00 -39.55
N PRO B 258 -17.49 4.31 -39.54
CA PRO B 258 -16.58 5.21 -38.83
C PRO B 258 -16.73 5.06 -37.33
N PHE B 259 -15.67 5.47 -36.61
CA PHE B 259 -15.76 5.52 -35.16
C PHE B 259 -16.60 6.72 -34.73
N VAL B 260 -17.42 6.51 -33.70
CA VAL B 260 -18.35 7.50 -33.22
C VAL B 260 -17.86 7.99 -31.86
N GLY B 261 -17.59 9.28 -31.76
CA GLY B 261 -17.32 9.93 -30.49
C GLY B 261 -18.58 10.62 -29.98
N VAL B 262 -18.92 10.36 -28.72
CA VAL B 262 -20.13 10.86 -28.10
C VAL B 262 -19.70 11.81 -26.98
N LEU B 263 -19.86 13.11 -27.20
CA LEU B 263 -19.62 14.08 -26.13
C LEU B 263 -20.53 13.75 -24.96
N SER B 264 -20.00 13.72 -23.75
CA SER B 264 -20.75 13.18 -22.64
C SER B 264 -20.53 13.99 -21.36
N ALA B 265 -21.55 14.01 -20.52
CA ALA B 265 -21.49 14.69 -19.23
C ALA B 265 -21.42 13.66 -18.12
N GLY B 266 -20.32 13.64 -17.39
CA GLY B 266 -20.13 12.72 -16.28
C GLY B 266 -20.11 13.46 -14.96
N ILE B 267 -20.60 12.80 -13.91
CA ILE B 267 -20.67 13.38 -12.57
C ILE B 267 -19.56 12.81 -11.70
N ASN B 268 -18.78 13.68 -11.09
CA ASN B 268 -17.65 13.28 -10.26
C ASN B 268 -18.12 12.44 -9.08
N ALA B 269 -17.48 11.28 -8.89
CA ALA B 269 -17.86 10.38 -7.79
C ALA B 269 -17.63 11.03 -6.43
N ALA B 270 -16.70 11.97 -6.34
CA ALA B 270 -16.45 12.67 -5.08
C ALA B 270 -17.31 13.91 -4.89
N SER B 271 -18.25 14.17 -5.79
CA SER B 271 -19.06 15.38 -5.68
C SER B 271 -20.07 15.25 -4.56
N PRO B 272 -20.24 16.28 -3.72
CA PRO B 272 -21.34 16.29 -2.76
C PRO B 272 -22.66 16.74 -3.35
N ASN B 273 -22.67 17.04 -4.66
CA ASN B 273 -23.75 17.73 -5.33
C ASN B 273 -24.35 16.86 -6.43
N LYS B 274 -24.44 15.54 -6.22
CA LYS B 274 -24.84 14.66 -7.31
C LYS B 274 -26.25 14.96 -7.81
N GLU B 275 -27.22 15.12 -6.89
CA GLU B 275 -28.59 15.40 -7.34
C GLU B 275 -28.68 16.76 -8.03
N LEU B 276 -28.02 17.78 -7.46
CA LEU B 276 -27.93 19.07 -8.14
C LEU B 276 -27.38 18.92 -9.54
N ALA B 277 -26.30 18.15 -9.70
CA ALA B 277 -25.76 17.86 -11.02
C ALA B 277 -26.76 17.08 -11.87
N LYS B 278 -27.44 16.11 -11.24
CA LYS B 278 -28.49 15.39 -11.95
C LYS B 278 -29.59 16.33 -12.43
N GLU B 279 -30.04 17.22 -11.55
CA GLU B 279 -31.11 18.14 -11.90
C GLU B 279 -30.68 19.05 -13.04
N PHE B 280 -29.45 19.58 -12.97
CA PHE B 280 -28.94 20.45 -14.03
C PHE B 280 -28.95 19.73 -15.38
N LEU B 281 -28.34 18.53 -15.42
CA LEU B 281 -28.20 17.83 -16.69
C LEU B 281 -29.56 17.39 -17.23
N GLU B 282 -30.41 16.83 -16.38
CA GLU B 282 -31.66 16.27 -16.87
C GLU B 282 -32.74 17.33 -17.08
N ASN B 283 -32.74 18.41 -16.29
CA ASN B 283 -33.87 19.31 -16.41
C ASN B 283 -33.51 20.63 -17.11
N TYR B 284 -32.23 20.96 -17.27
CA TYR B 284 -31.94 22.20 -17.98
C TYR B 284 -31.10 21.98 -19.23
N LEU B 285 -30.02 21.21 -19.14
CA LEU B 285 -29.14 21.05 -20.29
C LEU B 285 -29.77 20.18 -21.36
N LEU B 286 -30.25 19.00 -20.99
CA LEU B 286 -30.75 18.02 -21.96
C LEU B 286 -32.20 18.32 -22.35
N THR B 287 -32.38 19.54 -22.83
CA THR B 287 -33.66 20.03 -23.34
C THR B 287 -33.37 20.84 -24.59
N ASP B 288 -34.39 21.04 -25.42
CA ASP B 288 -34.17 21.82 -26.63
C ASP B 288 -33.54 23.16 -26.32
N GLU B 289 -34.08 23.84 -25.31
CA GLU B 289 -33.64 25.19 -24.90
C GLU B 289 -32.22 25.15 -24.36
N GLY B 290 -31.90 24.13 -23.57
CA GLY B 290 -30.49 23.91 -23.13
C GLY B 290 -29.43 23.70 -24.21
N LEU B 291 -29.60 22.65 -25.03
CA LEU B 291 -28.65 22.37 -26.09
C LEU B 291 -28.55 23.53 -27.06
N GLU B 292 -29.69 24.15 -27.40
CA GLU B 292 -29.66 25.31 -28.28
C GLU B 292 -28.76 26.41 -27.75
N ALA B 293 -28.81 26.66 -26.44
CA ALA B 293 -27.97 27.68 -25.84
C ALA B 293 -26.49 27.34 -26.00
N VAL B 294 -26.14 26.07 -25.80
CA VAL B 294 -24.77 25.65 -26.06
C VAL B 294 -24.47 25.74 -27.55
N ASN B 295 -25.40 25.22 -28.37
CA ASN B 295 -25.23 25.16 -29.82
C ASN B 295 -24.94 26.54 -30.40
N LYS B 296 -25.75 27.51 -29.99
CA LYS B 296 -25.61 28.87 -30.50
C LYS B 296 -24.21 29.42 -30.24
N ASP B 297 -23.59 29.05 -29.13
CA ASP B 297 -22.22 29.48 -28.86
C ASP B 297 -21.25 28.86 -29.87
N LYS B 298 -21.18 27.54 -29.89
CA LYS B 298 -20.40 26.77 -30.86
C LYS B 298 -21.16 25.49 -31.17
N PRO B 299 -21.35 25.17 -32.44
CA PRO B 299 -22.25 24.07 -32.82
C PRO B 299 -21.83 22.75 -32.20
N LEU B 300 -22.81 22.04 -31.63
CA LEU B 300 -22.56 20.72 -31.09
C LEU B 300 -22.40 19.66 -32.16
N GLY B 301 -22.79 19.95 -33.41
CA GLY B 301 -22.90 18.92 -34.42
C GLY B 301 -24.22 18.20 -34.31
N ALA B 302 -24.25 16.89 -34.54
CA ALA B 302 -25.41 16.10 -34.22
C ALA B 302 -25.51 15.91 -32.70
N VAL B 303 -26.73 15.75 -32.20
CA VAL B 303 -26.95 15.66 -30.76
C VAL B 303 -27.72 14.39 -30.42
N ALA B 304 -27.56 13.95 -29.18
CA ALA B 304 -28.19 12.71 -28.73
C ALA B 304 -29.67 12.88 -28.42
N LEU B 305 -30.13 14.12 -28.24
CA LEU B 305 -31.52 14.37 -27.88
C LEU B 305 -32.36 14.37 -29.14
N LYS B 306 -33.31 13.43 -29.23
CA LYS B 306 -34.06 13.23 -30.47
C LYS B 306 -34.76 14.50 -30.92
N SER B 307 -35.43 15.18 -29.98
CA SER B 307 -36.23 16.34 -30.36
C SER B 307 -35.36 17.42 -30.98
N TYR B 308 -34.25 17.80 -30.33
CA TYR B 308 -33.45 18.87 -30.88
C TYR B 308 -32.68 18.42 -32.11
N GLU B 309 -32.29 17.14 -32.18
CA GLU B 309 -31.61 16.63 -33.36
C GLU B 309 -32.48 16.75 -34.61
N GLU B 310 -33.78 16.49 -34.46
CA GLU B 310 -34.70 16.62 -35.59
C GLU B 310 -34.74 18.05 -36.11
N GLU B 311 -34.60 19.03 -35.22
CA GLU B 311 -34.57 20.40 -35.70
C GLU B 311 -33.24 20.71 -36.39
N LEU B 312 -32.13 20.26 -35.77
CA LEU B 312 -30.81 20.50 -36.35
C LEU B 312 -30.66 19.79 -37.69
N ALA B 313 -31.22 18.59 -37.82
CA ALA B 313 -31.00 17.75 -39.00
C ALA B 313 -31.64 18.32 -40.26
N LYS B 314 -32.40 19.42 -40.16
CA LYS B 314 -32.78 20.15 -41.37
C LYS B 314 -31.55 20.60 -42.14
N ASP B 315 -30.41 20.76 -41.47
CA ASP B 315 -29.12 20.90 -42.14
C ASP B 315 -28.65 19.54 -42.62
N PRO B 316 -28.52 19.32 -43.93
CA PRO B 316 -28.12 17.98 -44.40
C PRO B 316 -26.73 17.56 -43.94
N ARG B 317 -25.84 18.51 -43.62
CA ARG B 317 -24.54 18.15 -43.08
C ARG B 317 -24.70 17.43 -41.74
N ILE B 318 -25.55 17.97 -40.87
CA ILE B 318 -25.79 17.34 -39.58
C ILE B 318 -26.50 16.00 -39.76
N ALA B 319 -27.47 15.96 -40.68
CA ALA B 319 -28.18 14.71 -40.94
C ALA B 319 -27.22 13.62 -41.36
N ALA B 320 -26.22 13.98 -42.18
CA ALA B 320 -25.24 13.01 -42.62
C ALA B 320 -24.36 12.53 -41.47
N THR B 321 -23.92 13.45 -40.62
CA THR B 321 -23.10 13.05 -39.48
C THR B 321 -23.82 12.02 -38.64
N MET B 322 -25.10 12.26 -38.35
CA MET B 322 -25.88 11.30 -37.60
C MET B 322 -26.02 9.99 -38.36
N GLU B 323 -26.26 10.07 -39.67
CA GLU B 323 -26.40 8.84 -40.45
C GLU B 323 -25.12 8.02 -40.43
N ASN B 324 -23.98 8.68 -40.63
CA ASN B 324 -22.73 7.94 -40.53
C ASN B 324 -22.51 7.43 -39.12
N ALA B 325 -22.91 8.20 -38.11
CA ALA B 325 -22.75 7.76 -36.74
C ALA B 325 -23.58 6.52 -36.46
N GLN B 326 -24.84 6.53 -36.89
CA GLN B 326 -25.72 5.38 -36.66
C GLN B 326 -25.22 4.14 -37.39
N LYS B 327 -24.57 4.31 -38.53
CA LYS B 327 -24.05 3.18 -39.28
C LYS B 327 -22.67 2.75 -38.82
N GLY B 328 -22.04 3.52 -37.95
CA GLY B 328 -20.68 3.28 -37.53
C GLY B 328 -20.56 2.46 -36.27
N GLU B 329 -19.37 2.54 -35.68
CA GLU B 329 -18.97 1.79 -34.50
C GLU B 329 -18.67 2.78 -33.40
N ILE B 330 -19.34 2.64 -32.25
CA ILE B 330 -19.01 3.46 -31.09
C ILE B 330 -17.56 3.20 -30.71
N MET B 331 -16.79 4.27 -30.54
CA MET B 331 -15.41 4.16 -30.09
C MET B 331 -15.35 3.37 -28.79
N PRO B 332 -14.62 2.27 -28.72
CA PRO B 332 -14.54 1.50 -27.47
C PRO B 332 -13.91 2.32 -26.36
N ASN B 333 -14.54 2.33 -25.19
CA ASN B 333 -14.11 3.14 -24.06
C ASN B 333 -13.12 2.40 -23.13
N ILE B 334 -12.57 1.27 -23.54
CA ILE B 334 -11.54 0.65 -22.71
C ILE B 334 -10.19 1.25 -23.07
N PRO B 335 -9.32 1.53 -22.08
CA PRO B 335 -8.05 2.20 -22.39
C PRO B 335 -7.12 1.38 -23.25
N GLN B 336 -7.36 0.07 -23.37
CA GLN B 336 -6.56 -0.80 -24.21
C GLN B 336 -6.71 -0.45 -25.69
N MET B 337 -7.56 0.51 -26.04
CA MET B 337 -7.61 0.97 -27.43
C MET B 337 -6.25 1.45 -27.90
N SER B 338 -5.39 1.87 -26.97
CA SER B 338 -4.02 2.26 -27.33
C SER B 338 -3.32 1.16 -28.12
N ALA B 339 -3.54 -0.10 -27.76
CA ALA B 339 -2.95 -1.20 -28.50
C ALA B 339 -3.49 -1.26 -29.92
N PHE B 340 -4.80 -1.06 -30.08
CA PHE B 340 -5.40 -1.07 -31.42
C PHE B 340 -4.80 0.00 -32.31
N TRP B 341 -4.75 1.25 -31.83
CA TRP B 341 -4.25 2.33 -32.68
C TRP B 341 -2.80 2.08 -33.07
N TYR B 342 -1.96 1.71 -32.09
CA TYR B 342 -0.54 1.51 -32.33
C TYR B 342 -0.31 0.45 -33.39
N ALA B 343 -0.98 -0.71 -33.25
CA ALA B 343 -0.77 -1.81 -34.17
C ALA B 343 -1.34 -1.49 -35.55
N VAL B 344 -2.56 -0.98 -35.61
CA VAL B 344 -3.22 -0.80 -36.89
C VAL B 344 -2.58 0.35 -37.67
N ARG B 345 -2.01 1.34 -36.99
CA ARG B 345 -1.31 2.41 -37.69
C ARG B 345 -0.17 1.87 -38.54
N THR B 346 0.64 0.99 -37.96
CA THR B 346 1.75 0.42 -38.72
C THR B 346 1.25 -0.40 -39.89
N ALA B 347 0.20 -1.19 -39.68
CA ALA B 347 -0.23 -2.12 -40.73
C ALA B 347 -0.69 -1.36 -41.96
N VAL B 348 -1.49 -0.32 -41.76
CA VAL B 348 -2.03 0.41 -42.91
C VAL B 348 -0.90 1.10 -43.67
N ILE B 349 0.03 1.73 -42.95
CA ILE B 349 1.14 2.42 -43.59
C ILE B 349 2.03 1.43 -44.34
N ASN B 350 2.35 0.29 -43.73
CA ASN B 350 3.19 -0.67 -44.44
C ASN B 350 2.49 -1.22 -45.67
N ALA B 351 1.19 -1.49 -45.57
CA ALA B 351 0.48 -2.06 -46.71
C ALA B 351 0.31 -1.02 -47.81
N ALA B 352 -0.03 0.22 -47.42
CA ALA B 352 -0.25 1.29 -48.38
C ALA B 352 1.01 1.59 -49.17
N SER B 353 2.17 1.49 -48.54
CA SER B 353 3.44 1.77 -49.18
C SER B 353 4.02 0.58 -49.91
N GLY B 354 3.35 -0.56 -49.89
CA GLY B 354 3.92 -1.74 -50.52
C GLY B 354 5.08 -2.35 -49.77
N ARG B 355 5.34 -1.89 -48.55
CA ARG B 355 6.42 -2.57 -47.81
C ARG B 355 5.89 -3.89 -47.29
N GLN B 356 4.57 -4.08 -47.26
CA GLN B 356 4.08 -5.31 -46.65
C GLN B 356 2.79 -5.71 -47.35
N THR B 357 2.50 -7.01 -47.37
CA THR B 357 1.22 -7.39 -47.96
C THR B 357 0.09 -7.07 -46.99
N VAL B 358 -1.12 -6.99 -47.54
CA VAL B 358 -2.28 -6.81 -46.67
C VAL B 358 -2.36 -7.94 -45.66
N ASP B 359 -2.13 -9.17 -46.13
CA ASP B 359 -2.15 -10.33 -45.24
C ASP B 359 -1.12 -10.26 -44.10
N GLU B 360 0.15 -10.06 -44.39
CA GLU B 360 1.10 -10.03 -43.27
C GLU B 360 0.83 -8.84 -42.35
N ALA B 361 0.39 -7.72 -42.91
CA ALA B 361 0.33 -6.52 -42.12
C ALA B 361 -0.81 -6.61 -41.13
N LEU B 362 -1.93 -7.15 -41.58
CA LEU B 362 -3.05 -7.36 -40.68
C LEU B 362 -2.81 -8.55 -39.77
N LYS B 363 -2.14 -9.60 -40.27
CA LYS B 363 -1.80 -10.69 -39.37
C LYS B 363 -0.90 -10.19 -38.25
N ASP B 364 0.11 -9.36 -38.57
CA ASP B 364 1.00 -8.87 -37.52
C ASP B 364 0.27 -7.91 -36.59
N ALA B 365 -0.63 -7.08 -37.13
CA ALA B 365 -1.32 -6.08 -36.30
C ALA B 365 -2.29 -6.75 -35.35
N GLN B 366 -2.97 -7.80 -35.81
CA GLN B 366 -3.80 -8.62 -34.93
C GLN B 366 -3.01 -9.11 -33.74
N THR B 367 -1.84 -9.69 -33.99
CA THR B 367 -1.00 -10.23 -32.93
C THR B 367 -0.51 -9.13 -32.00
N ALA B 368 0.02 -8.05 -32.56
CA ALA B 368 0.54 -6.97 -31.73
C ALA B 368 -0.56 -6.32 -30.91
N ALA B 369 -1.76 -6.17 -31.48
CA ALA B 369 -2.87 -5.53 -30.75
C ALA B 369 -3.29 -6.38 -29.56
N ARG B 370 -3.50 -7.69 -29.80
CA ARG B 370 -3.76 -8.63 -28.70
C ARG B 370 -2.69 -8.54 -27.61
N ALA B 371 -1.40 -8.61 -27.99
CA ALA B 371 -0.34 -8.67 -27.01
C ALA B 371 -0.26 -7.39 -26.17
N PHE B 372 -0.26 -6.22 -26.84
CA PHE B 372 -0.21 -4.96 -26.10
C PHE B 372 -1.45 -4.75 -25.24
N ALA B 373 -2.63 -5.14 -25.73
CA ALA B 373 -3.84 -4.96 -24.94
C ALA B 373 -3.80 -5.83 -23.69
N ALA B 374 -3.34 -7.07 -23.84
CA ALA B 374 -3.17 -7.94 -22.67
C ALA B 374 -2.16 -7.36 -21.70
N ALA B 375 -1.13 -6.70 -22.20
CA ALA B 375 -0.04 -6.25 -21.33
C ALA B 375 -0.44 -5.03 -20.51
N GLY B 376 -1.35 -4.21 -21.03
CA GLY B 376 -1.86 -3.08 -20.27
C GLY B 376 -2.18 -1.91 -21.18
N LYS B 377 -2.59 -0.83 -20.52
CA LYS B 377 -2.93 0.46 -21.12
C LYS B 377 -1.75 1.14 -21.81
N GLU B 378 -0.55 0.97 -21.29
CA GLU B 378 0.62 1.73 -21.73
C GLU B 378 1.29 0.99 -22.88
N ILE B 379 1.49 1.68 -24.00
CA ILE B 379 2.22 1.07 -25.11
C ILE B 379 3.70 1.23 -24.80
N GLU B 380 4.28 0.20 -24.20
CA GLU B 380 5.71 0.20 -23.95
C GLU B 380 6.23 -1.21 -24.14
N ILE B 381 7.32 -1.32 -24.87
CA ILE B 381 8.11 -2.53 -24.91
C ILE B 381 9.52 -2.16 -24.46
N LYS B 382 10.01 -2.83 -23.44
CA LYS B 382 11.27 -2.49 -22.80
C LYS B 382 12.32 -3.48 -23.24
N LYS B 383 13.49 -2.97 -23.58
CA LYS B 383 14.52 -3.89 -24.05
C LYS B 383 15.12 -4.65 -22.87
N LEU B 384 15.48 -5.90 -23.15
CA LEU B 384 15.87 -6.83 -22.11
C LEU B 384 17.00 -6.30 -21.23
N PRO B 385 18.08 -5.73 -21.77
CA PRO B 385 19.14 -5.21 -20.88
C PRO B 385 18.66 -4.15 -19.87
N GLU B 386 17.77 -3.24 -20.31
CA GLU B 386 17.31 -2.21 -19.39
C GLU B 386 16.42 -2.79 -18.32
N PHE B 387 15.61 -3.78 -18.68
CA PHE B 387 14.79 -4.46 -17.69
C PHE B 387 15.65 -5.22 -16.70
N GLU B 388 16.62 -5.99 -17.22
CA GLU B 388 17.54 -6.68 -16.34
C GLU B 388 18.34 -5.70 -15.48
N ALA B 389 18.62 -4.50 -15.99
CA ALA B 389 19.24 -3.49 -15.14
C ALA B 389 18.33 -3.15 -13.96
N MET B 390 17.03 -3.09 -14.21
CA MET B 390 16.07 -2.88 -13.13
C MET B 390 16.10 -4.00 -12.11
N VAL B 391 16.11 -5.25 -12.57
CA VAL B 391 16.04 -6.38 -11.65
C VAL B 391 17.28 -6.43 -10.78
N ASN B 392 18.45 -6.21 -11.38
CA ASN B 392 19.70 -6.26 -10.63
C ASN B 392 19.83 -5.10 -9.66
N ALA B 393 18.96 -4.11 -9.74
CA ALA B 393 18.88 -3.02 -8.78
C ALA B 393 17.76 -3.21 -7.76
N GLY B 394 17.03 -4.32 -7.83
CA GLY B 394 15.92 -4.52 -6.91
C GLY B 394 14.72 -3.64 -7.21
N ASN B 395 14.64 -3.12 -8.43
CA ASN B 395 13.54 -2.27 -8.87
C ASN B 395 12.47 -3.15 -9.53
N THR B 396 11.34 -3.32 -8.86
CA THR B 396 10.29 -4.22 -9.29
C THR B 396 9.05 -3.50 -9.81
N THR B 397 9.20 -2.24 -10.24
CA THR B 397 8.03 -1.46 -10.62
C THR B 397 7.47 -1.83 -12.00
N TYR B 398 8.28 -2.34 -12.92
CA TYR B 398 7.81 -2.49 -14.31
C TYR B 398 6.93 -3.72 -14.48
N THR B 399 5.77 -3.53 -15.08
CA THR B 399 4.89 -4.58 -15.55
C THR B 399 4.63 -4.33 -17.03
N GLY B 400 4.84 -5.32 -17.87
CA GLY B 400 4.52 -5.18 -19.27
C GLY B 400 5.38 -6.06 -20.16
N LEU B 401 5.38 -5.72 -21.44
CA LEU B 401 6.12 -6.48 -22.42
C LEU B 401 7.61 -6.18 -22.33
N VAL B 402 8.42 -7.21 -22.54
CA VAL B 402 9.87 -7.07 -22.61
C VAL B 402 10.31 -7.74 -23.90
N GLU B 403 11.08 -7.02 -24.71
CA GLU B 403 11.45 -7.52 -26.02
C GLU B 403 12.24 -8.81 -25.90
N GLY B 404 11.76 -9.86 -26.58
CA GLY B 404 12.45 -11.12 -26.63
C GLY B 404 11.92 -12.17 -25.67
N ILE B 405 11.26 -11.75 -24.59
CA ILE B 405 10.76 -12.70 -23.61
C ILE B 405 9.25 -12.64 -23.44
N GLY B 406 8.61 -11.51 -23.78
CA GLY B 406 7.17 -11.41 -23.67
C GLY B 406 6.69 -10.49 -22.57
N TYR B 407 5.79 -10.99 -21.74
CA TYR B 407 5.18 -10.21 -20.69
C TYR B 407 5.74 -10.59 -19.33
N VAL B 408 6.06 -9.59 -18.53
CA VAL B 408 6.55 -9.79 -17.16
C VAL B 408 5.59 -9.12 -16.18
N TYR B 409 5.41 -9.76 -15.03
CA TYR B 409 4.68 -9.17 -13.92
C TYR B 409 5.21 -9.79 -12.63
N TRP B 410 4.88 -9.15 -11.51
CA TRP B 410 5.42 -9.50 -10.21
C TRP B 410 4.28 -9.91 -9.27
N THR B 411 4.53 -10.92 -8.46
CA THR B 411 3.68 -11.23 -7.32
C THR B 411 4.49 -11.13 -6.04
N THR B 412 3.81 -10.77 -4.96
CA THR B 412 4.45 -10.42 -3.71
C THR B 412 4.02 -11.36 -2.61
N GLU B 413 4.99 -11.77 -1.79
CA GLU B 413 4.73 -12.54 -0.59
C GLU B 413 5.64 -12.02 0.51
N THR B 414 5.16 -12.11 1.75
CA THR B 414 5.96 -11.80 2.92
C THR B 414 6.43 -13.09 3.59
N LEU B 415 7.72 -13.18 3.85
CA LEU B 415 8.31 -14.32 4.56
C LEU B 415 8.54 -13.93 6.01
N TYR B 416 8.29 -14.85 6.94
CA TYR B 416 8.66 -14.64 8.33
C TYR B 416 9.79 -15.58 8.73
N PHE B 417 10.70 -15.08 9.57
CA PHE B 417 11.71 -15.97 10.14
C PHE B 417 11.82 -15.76 11.65
N ILE B 418 12.29 -16.80 12.32
CA ILE B 418 12.66 -16.75 13.74
C ILE B 418 14.17 -16.74 13.87
N ARG B 419 14.68 -15.95 14.79
CA ARG B 419 16.10 -16.04 15.07
C ARG B 419 16.38 -17.22 15.96
N THR B 420 17.17 -18.15 15.43
CA THR B 420 17.65 -19.32 16.13
C THR B 420 18.91 -19.03 16.92
N ASN B 421 19.35 -17.77 16.91
CA ASN B 421 20.68 -17.39 17.36
C ASN B 421 20.65 -16.25 18.36
N PRO B 422 19.61 -16.10 19.19
CA PRO B 422 19.39 -14.76 19.79
C PRO B 422 20.38 -14.45 20.89
N GLU B 423 20.91 -15.48 21.55
CA GLU B 423 21.83 -15.30 22.64
C GLU B 423 23.25 -15.76 22.32
N GLN B 424 23.52 -16.23 21.10
CA GLN B 424 24.89 -16.62 20.77
C GLN B 424 25.79 -15.40 20.81
N LEU B 425 27.01 -15.62 21.26
CA LEU B 425 27.95 -14.56 21.59
C LEU B 425 28.66 -14.05 20.34
N TRP B 426 28.55 -12.75 20.08
CA TRP B 426 29.35 -12.08 19.06
C TRP B 426 29.26 -12.77 17.70
N ALA B 427 28.03 -13.09 17.27
CA ALA B 427 27.87 -13.95 16.10
C ALA B 427 27.05 -13.28 15.01
N ILE B 428 27.16 -13.82 13.81
CA ILE B 428 26.27 -13.46 12.71
C ILE B 428 24.87 -13.96 13.02
N PRO B 429 23.85 -13.09 12.99
CA PRO B 429 22.49 -13.53 13.28
C PRO B 429 22.05 -14.62 12.32
N LYS B 430 21.38 -15.64 12.85
CA LYS B 430 20.86 -16.69 11.99
C LYS B 430 19.36 -16.84 12.19
N TYR B 431 18.69 -17.15 11.09
CA TYR B 431 17.24 -17.15 11.04
C TYR B 431 16.77 -18.43 10.39
N GLN B 432 15.54 -18.80 10.72
CA GLN B 432 14.89 -19.95 10.11
C GLN B 432 13.43 -19.62 9.83
N GLN B 433 13.02 -19.87 8.59
CA GLN B 433 11.68 -19.52 8.14
C GLN B 433 10.61 -20.31 8.90
N ILE B 434 9.49 -19.65 9.19
CA ILE B 434 8.39 -20.22 9.94
C ILE B 434 7.08 -20.14 9.17
N PRO B 435 6.17 -21.10 9.33
CA PRO B 435 4.96 -21.17 8.47
C PRO B 435 3.83 -20.25 8.94
N PHE B 436 2.86 -20.06 8.03
CA PHE B 436 1.90 -18.97 7.92
C PHE B 436 1.33 -18.37 9.20
N PRO B 437 0.75 -19.10 10.14
CA PRO B 437 0.25 -18.38 11.34
C PRO B 437 1.38 -17.65 12.05
N TYR B 438 2.58 -18.21 12.05
CA TYR B 438 3.83 -17.64 12.56
C TYR B 438 3.88 -17.41 14.06
N PHE B 439 2.82 -17.68 14.79
CA PHE B 439 2.77 -17.27 16.20
C PHE B 439 3.89 -18.00 16.96
N GLN B 440 4.77 -17.22 17.59
CA GLN B 440 5.84 -17.74 18.42
C GLN B 440 5.71 -17.14 19.82
N ARG B 441 6.44 -17.74 20.78
CA ARG B 441 6.55 -17.16 22.12
C ARG B 441 7.00 -15.71 22.01
N LYS B 442 6.58 -14.89 22.96
CA LYS B 442 6.90 -13.49 22.80
C LYS B 442 8.37 -13.20 23.02
N ASP B 443 9.12 -14.14 23.59
CA ASP B 443 10.55 -13.88 23.67
C ASP B 443 11.27 -14.17 22.35
N ALA B 444 10.61 -14.83 21.40
CA ALA B 444 11.24 -15.12 20.11
C ALA B 444 11.43 -13.84 19.30
N ILE B 445 12.53 -13.76 18.57
CA ILE B 445 12.79 -12.63 17.68
C ILE B 445 12.30 -12.99 16.28
N ILE B 446 11.40 -12.17 15.76
CA ILE B 446 10.72 -12.40 14.48
C ILE B 446 11.22 -11.34 13.50
N GLU B 447 11.46 -11.78 12.26
CA GLU B 447 12.04 -10.99 11.19
C GLU B 447 11.22 -11.26 9.93
N THR B 448 10.78 -10.22 9.23
CA THR B 448 10.00 -10.40 8.03
C THR B 448 10.73 -9.82 6.82
N LYS B 449 10.62 -10.52 5.70
CA LYS B 449 11.17 -10.07 4.43
C LYS B 449 10.05 -10.00 3.41
N THR B 450 10.15 -9.05 2.48
CA THR B 450 9.19 -8.92 1.39
C THR B 450 9.81 -9.50 0.13
N LEU B 451 9.10 -10.42 -0.53
CA LEU B 451 9.62 -11.21 -1.64
C LEU B 451 8.79 -10.91 -2.88
N HIS B 452 9.42 -10.31 -3.89
CA HIS B 452 8.76 -10.00 -5.16
C HIS B 452 9.23 -11.04 -6.17
N THR B 453 8.34 -11.92 -6.62
CA THR B 453 8.70 -12.99 -7.54
C THR B 453 8.36 -12.60 -8.97
N LEU B 454 9.29 -12.84 -9.89
CA LEU B 454 9.14 -12.47 -11.29
C LEU B 454 8.44 -13.56 -12.09
N HIS B 455 7.51 -13.14 -12.94
CA HIS B 455 6.74 -14.00 -13.83
C HIS B 455 7.05 -13.62 -15.26
N VAL B 456 7.11 -14.62 -16.14
CA VAL B 456 7.42 -14.41 -17.55
C VAL B 456 6.42 -15.17 -18.39
N LEU B 457 5.78 -14.49 -19.32
CA LEU B 457 4.84 -15.09 -20.25
C LEU B 457 5.25 -14.74 -21.67
N SER B 458 5.44 -15.75 -22.51
CA SER B 458 5.62 -15.50 -23.93
C SER B 458 4.32 -14.91 -24.47
N LYS B 459 4.44 -14.09 -25.53
CA LYS B 459 3.26 -13.52 -26.17
C LYS B 459 2.23 -14.61 -26.39
N ASP B 460 2.71 -15.78 -26.75
CA ASP B 460 1.84 -16.87 -27.15
C ASP B 460 1.18 -17.51 -25.93
N GLU B 461 1.91 -17.57 -24.81
CA GLU B 461 1.32 -17.91 -23.51
C GLU B 461 0.32 -16.86 -23.04
N LEU B 462 0.68 -15.58 -23.15
CA LEU B 462 -0.20 -14.49 -22.73
C LEU B 462 -1.52 -14.50 -23.50
N LEU B 463 -1.47 -14.88 -24.78
CA LEU B 463 -2.68 -14.86 -25.58
C LEU B 463 -3.63 -16.01 -25.25
N LYS B 464 -3.13 -17.13 -24.72
CA LYS B 464 -4.03 -18.19 -24.29
C LYS B 464 -4.69 -17.91 -22.94
N LEU B 465 -4.22 -16.96 -22.15
CA LEU B 465 -4.84 -16.75 -20.84
C LEU B 465 -6.19 -16.07 -20.98
N ASP B 466 -7.07 -16.33 -20.00
CA ASP B 466 -8.40 -15.75 -19.91
C ASP B 466 -8.44 -14.60 -18.91
N TYR B 467 -8.27 -13.39 -19.46
CA TYR B 467 -8.29 -12.11 -18.77
C TYR B 467 -9.37 -11.23 -19.39
N ASP B 468 -9.64 -10.08 -18.77
CA ASP B 468 -10.54 -9.12 -19.39
C ASP B 468 -9.99 -7.72 -19.19
N ALA B 469 -10.66 -6.74 -19.82
CA ALA B 469 -10.24 -5.36 -19.78
C ALA B 469 -10.41 -4.72 -18.41
N TYR B 470 -11.28 -5.28 -17.57
CA TYR B 470 -11.77 -4.60 -16.38
C TYR B 470 -11.07 -5.07 -15.10
N TYR B 471 -10.49 -6.27 -15.11
CA TYR B 471 -9.77 -6.82 -13.97
C TYR B 471 -8.46 -7.43 -14.46
N ALA B 472 -7.35 -6.97 -13.89
CA ALA B 472 -6.06 -7.52 -14.25
C ALA B 472 -5.95 -8.96 -13.75
N PHE B 473 -5.66 -9.88 -14.66
CA PHE B 473 -5.57 -11.31 -14.29
C PHE B 473 -4.48 -11.52 -13.23
N TYR B 474 -3.46 -10.66 -13.21
CA TYR B 474 -2.31 -10.82 -12.29
C TYR B 474 -2.74 -10.66 -10.84
N GLY B 475 -3.77 -9.86 -10.61
CA GLY B 475 -4.24 -9.70 -9.25
C GLY B 475 -4.77 -10.99 -8.65
N ILE B 476 -5.64 -11.68 -9.38
CA ILE B 476 -6.18 -12.94 -8.88
C ILE B 476 -5.10 -14.01 -8.82
N VAL B 477 -4.17 -13.99 -9.78
CA VAL B 477 -3.02 -14.90 -9.70
C VAL B 477 -2.30 -14.71 -8.38
N GLU B 478 -2.06 -13.45 -7.99
CA GLU B 478 -1.38 -13.21 -6.73
C GLU B 478 -2.18 -13.75 -5.56
N GLU B 479 -3.50 -13.55 -5.57
CA GLU B 479 -4.27 -14.04 -4.42
C GLU B 479 -4.31 -15.55 -4.36
N MET B 480 -4.26 -16.23 -5.51
CA MET B 480 -4.18 -17.69 -5.51
C MET B 480 -2.87 -18.14 -4.88
N LEU B 481 -1.77 -17.51 -5.27
CA LEU B 481 -0.46 -17.89 -4.73
C LEU B 481 -0.39 -17.65 -3.23
N LYS B 482 -0.99 -16.55 -2.75
CA LYS B 482 -1.04 -16.34 -1.31
C LYS B 482 -1.94 -17.35 -0.63
N PHE B 483 -3.04 -17.73 -1.27
CA PHE B 483 -3.92 -18.70 -0.63
C PHE B 483 -3.24 -20.05 -0.48
N ILE B 484 -2.64 -20.56 -1.56
CA ILE B 484 -2.05 -21.90 -1.51
C ILE B 484 -0.83 -21.92 -0.60
N HIS B 485 -0.03 -20.84 -0.63
CA HIS B 485 1.07 -20.70 0.32
C HIS B 485 0.59 -20.90 1.75
N ARG B 486 -0.52 -20.25 2.10
CA ARG B 486 -1.06 -20.31 3.45
C ARG B 486 -1.78 -21.62 3.72
N ALA B 487 -2.47 -22.17 2.73
CA ALA B 487 -3.16 -23.43 2.96
C ALA B 487 -2.16 -24.54 3.28
N ASP B 488 -1.04 -24.55 2.58
CA ASP B 488 0.01 -25.53 2.83
C ASP B 488 0.75 -25.23 4.13
N ALA B 489 1.01 -23.96 4.42
CA ALA B 489 1.80 -23.62 5.60
C ALA B 489 1.08 -23.96 6.89
N ILE B 490 -0.22 -23.66 6.98
CA ILE B 490 -0.93 -23.77 8.25
C ILE B 490 -0.99 -25.22 8.71
N LYS B 491 -1.08 -26.17 7.77
CA LYS B 491 -0.96 -27.57 8.13
C LYS B 491 0.39 -27.84 8.76
N SER B 492 1.44 -27.23 8.22
CA SER B 492 2.77 -27.38 8.78
C SER B 492 2.90 -26.71 10.14
N TYR B 493 2.15 -25.64 10.39
CA TYR B 493 2.32 -24.90 11.63
C TYR B 493 1.65 -25.59 12.81
N CYS B 494 0.47 -26.18 12.61
CA CYS B 494 -0.35 -26.73 13.69
C CYS B 494 -1.56 -27.48 13.15
N GLU B 495 -1.81 -28.69 13.65
CA GLU B 495 -2.98 -29.41 13.13
C GLU B 495 -4.25 -29.15 13.92
N ILE B 496 -4.21 -28.29 14.93
CA ILE B 496 -5.42 -28.02 15.72
C ILE B 496 -6.45 -27.25 14.89
N PRO B 497 -7.68 -27.74 14.78
CA PRO B 497 -8.69 -27.05 13.95
C PRO B 497 -8.92 -25.62 14.44
N LEU B 498 -9.06 -24.72 13.48
CA LEU B 498 -9.28 -23.33 13.79
C LEU B 498 -10.71 -23.10 14.30
N PRO B 499 -10.88 -22.20 15.26
CA PRO B 499 -12.22 -21.90 15.81
C PRO B 499 -13.04 -21.00 14.88
N ILE B 500 -13.45 -21.58 13.76
CA ILE B 500 -14.12 -20.85 12.68
C ILE B 500 -15.62 -20.84 12.90
N ILE B 501 -16.24 -19.67 12.76
CA ILE B 501 -17.68 -19.51 12.86
C ILE B 501 -18.24 -19.39 11.45
N LYS B 502 -18.91 -20.46 10.98
CA LYS B 502 -19.59 -20.50 9.68
C LYS B 502 -21.08 -20.28 9.94
N SER B 503 -21.54 -19.06 9.80
CA SER B 503 -22.96 -18.78 9.72
C SER B 503 -23.28 -18.25 8.34
N LYS B 504 -24.23 -18.91 7.67
CA LYS B 504 -24.80 -18.46 6.38
C LYS B 504 -25.66 -19.60 5.81
N GLY C 2 -24.26 -8.96 17.64
CA GLY C 2 -24.65 -7.57 17.80
C GLY C 2 -24.42 -7.03 19.21
N ASP C 3 -23.15 -6.81 19.55
CA ASP C 3 -22.78 -6.30 20.86
C ASP C 3 -22.75 -4.77 20.88
N GLY C 4 -23.13 -4.13 19.77
CA GLY C 4 -23.41 -2.71 19.75
C GLY C 4 -22.66 -1.88 18.72
N LEU C 5 -21.37 -2.13 18.54
CA LEU C 5 -20.62 -1.44 17.49
C LEU C 5 -19.66 -2.33 16.73
N SER C 6 -19.30 -3.48 17.28
CA SER C 6 -18.45 -4.45 16.61
C SER C 6 -19.19 -5.12 15.45
N LEU C 7 -18.42 -5.53 14.45
CA LEU C 7 -18.82 -6.23 13.23
C LEU C 7 -19.73 -5.44 12.31
N ILE C 8 -19.83 -4.13 12.47
CA ILE C 8 -20.46 -3.36 11.42
C ILE C 8 -19.43 -3.19 10.31
N SER C 9 -19.90 -2.95 9.09
CA SER C 9 -19.02 -2.78 7.95
C SER C 9 -19.37 -1.52 7.18
N ILE C 10 -18.34 -0.92 6.57
CA ILE C 10 -18.50 0.22 5.70
C ILE C 10 -18.09 -0.21 4.30
N ILE C 11 -18.85 0.23 3.30
CA ILE C 11 -18.58 -0.05 1.90
C ILE C 11 -18.05 1.22 1.25
N ASP C 12 -16.86 1.13 0.63
CA ASP C 12 -16.24 2.29 0.01
C ASP C 12 -16.99 2.76 -1.21
N GLU C 13 -17.43 1.82 -2.06
CA GLU C 13 -17.96 2.15 -3.38
C GLU C 13 -19.47 2.32 -3.25
N VAL C 14 -19.93 3.55 -3.31
CA VAL C 14 -21.36 3.79 -3.33
C VAL C 14 -21.89 3.53 -4.73
N GLY C 15 -23.03 2.84 -4.80
CA GLY C 15 -23.65 2.60 -6.08
C GLY C 15 -25.09 2.13 -5.94
N ASN C 16 -25.94 2.53 -6.88
CA ASN C 16 -27.27 1.95 -6.99
C ASN C 16 -27.20 0.51 -7.45
N GLY C 17 -28.32 -0.18 -7.31
CA GLY C 17 -28.41 -1.58 -7.65
C GLY C 17 -28.44 -2.44 -6.40
N GLU C 18 -29.01 -3.62 -6.56
CA GLU C 18 -29.23 -4.54 -5.46
C GLU C 18 -28.12 -5.58 -5.44
N TYR C 19 -27.50 -5.77 -4.28
CA TYR C 19 -26.45 -6.77 -4.16
C TYR C 19 -26.94 -7.87 -3.23
N TRP C 20 -27.21 -9.02 -3.81
CA TRP C 20 -27.80 -10.17 -3.12
C TRP C 20 -26.72 -11.13 -2.65
N SER C 21 -27.06 -11.92 -1.63
CA SER C 21 -26.12 -12.86 -1.05
C SER C 21 -25.80 -13.96 -2.04
N ALA C 22 -24.74 -14.73 -1.73
CA ALA C 22 -24.30 -15.79 -2.62
C ALA C 22 -25.43 -16.75 -2.96
N ALA C 23 -26.25 -17.09 -1.97
CA ALA C 23 -27.38 -17.99 -2.23
C ALA C 23 -28.50 -17.31 -3.01
N GLY C 24 -28.58 -15.98 -2.96
CA GLY C 24 -29.60 -15.25 -3.69
C GLY C 24 -30.83 -14.90 -2.88
N ASP C 25 -30.90 -15.28 -1.60
CA ASP C 25 -32.08 -15.07 -0.79
C ASP C 25 -32.06 -13.77 0.01
N ILE C 26 -30.88 -13.32 0.47
CA ILE C 26 -30.78 -12.13 1.33
C ILE C 26 -30.30 -10.95 0.50
N LEU C 27 -30.92 -9.79 0.71
CA LEU C 27 -30.44 -8.55 0.13
C LEU C 27 -29.39 -7.97 1.07
N LEU C 28 -28.12 -8.00 0.66
CA LEU C 28 -27.07 -7.46 1.51
C LEU C 28 -27.19 -5.94 1.65
N PHE C 29 -27.33 -5.25 0.52
CA PHE C 29 -27.42 -3.80 0.54
C PHE C 29 -27.89 -3.33 -0.84
N ALA C 30 -28.52 -2.16 -0.86
CA ALA C 30 -29.07 -1.62 -2.10
C ALA C 30 -29.20 -0.11 -1.96
N ALA C 31 -29.53 0.53 -3.08
CA ALA C 31 -29.92 1.94 -3.09
C ALA C 31 -28.89 2.82 -2.40
N GLY C 32 -27.61 2.53 -2.62
CA GLY C 32 -26.56 3.34 -2.04
C GLY C 32 -26.36 3.20 -0.55
N LYS C 33 -26.85 2.13 0.08
CA LYS C 33 -26.41 1.82 1.44
C LYS C 33 -24.90 1.59 1.47
N THR C 34 -24.22 2.23 2.43
CA THR C 34 -22.78 2.07 2.58
C THR C 34 -22.40 1.47 3.92
N LYS C 35 -23.36 1.20 4.81
CA LYS C 35 -23.08 0.68 6.14
C LYS C 35 -23.89 -0.60 6.35
N LEU C 36 -23.21 -1.72 6.52
CA LEU C 36 -23.88 -2.97 6.81
C LEU C 36 -23.98 -3.21 8.31
N SER C 37 -25.03 -3.92 8.71
CA SER C 37 -25.21 -4.35 10.08
C SER C 37 -24.26 -5.51 10.36
N PRO C 38 -24.08 -5.87 11.64
CA PRO C 38 -23.32 -7.09 11.95
C PRO C 38 -23.89 -8.32 11.28
N TYR C 39 -25.21 -8.40 11.15
CA TYR C 39 -25.82 -9.54 10.49
C TYR C 39 -25.43 -9.64 9.01
N MET C 40 -25.51 -8.55 8.23
CA MET C 40 -25.09 -8.71 6.83
C MET C 40 -23.62 -9.03 6.74
N THR C 41 -22.82 -8.35 7.56
CA THR C 41 -21.38 -8.56 7.48
C THR C 41 -21.08 -10.05 7.54
N VAL C 42 -21.69 -10.73 8.52
CA VAL C 42 -21.45 -12.16 8.71
C VAL C 42 -21.96 -12.98 7.54
N ILE C 43 -23.04 -12.53 6.88
CA ILE C 43 -23.55 -13.27 5.74
C ILE C 43 -22.68 -13.06 4.52
N SER C 44 -22.29 -11.83 4.24
CA SER C 44 -21.45 -11.59 3.08
C SER C 44 -20.08 -12.26 3.24
N LEU C 45 -19.53 -12.25 4.46
CA LEU C 45 -18.20 -12.83 4.67
C LEU C 45 -18.24 -14.35 4.77
N GLY C 46 -19.34 -14.92 5.24
CA GLY C 46 -19.46 -16.37 5.28
C GLY C 46 -18.84 -17.04 6.46
N THR C 47 -17.57 -16.76 6.74
CA THR C 47 -16.89 -17.29 7.90
C THR C 47 -16.36 -16.16 8.76
N TRP C 48 -16.08 -16.48 10.02
CA TRP C 48 -15.57 -15.48 10.94
C TRP C 48 -14.73 -16.17 11.99
N MET C 49 -13.94 -15.36 12.70
CA MET C 49 -13.21 -15.84 13.86
C MET C 49 -13.03 -14.66 14.80
N TYR C 50 -13.29 -14.88 16.08
CA TYR C 50 -13.08 -13.84 17.08
C TYR C 50 -11.66 -13.86 17.60
N GLU C 51 -11.11 -12.67 17.86
CA GLU C 51 -9.72 -12.57 18.28
C GLU C 51 -9.46 -13.42 19.52
N THR C 52 -10.38 -13.41 20.48
CA THR C 52 -10.13 -14.17 21.71
C THR C 52 -10.02 -15.65 21.42
N ASP C 53 -10.86 -16.18 20.53
CA ASP C 53 -10.74 -17.61 20.20
C ASP C 53 -9.45 -17.86 19.45
N LEU C 54 -9.08 -16.95 18.55
CA LEU C 54 -7.82 -17.10 17.83
C LEU C 54 -6.65 -17.18 18.80
N MET C 55 -6.65 -16.35 19.84
CA MET C 55 -5.52 -16.34 20.76
C MET C 55 -5.43 -17.63 21.53
N GLN C 56 -6.56 -18.20 21.98
CA GLN C 56 -6.50 -19.52 22.61
C GLN C 56 -5.98 -20.55 21.63
N TRP C 57 -6.32 -20.42 20.35
CA TRP C 57 -5.80 -21.32 19.34
C TRP C 57 -4.28 -21.20 19.22
N ARG C 58 -3.74 -19.98 19.23
CA ARG C 58 -2.28 -19.87 19.13
C ARG C 58 -1.61 -20.41 20.38
N LEU C 59 -2.18 -20.14 21.57
CA LEU C 59 -1.63 -20.73 22.78
C LEU C 59 -1.65 -22.24 22.71
N ALA C 60 -2.76 -22.82 22.23
CA ALA C 60 -2.82 -24.25 22.05
C ALA C 60 -1.71 -24.74 21.13
N CYS C 61 -1.56 -24.08 19.98
CA CYS C 61 -0.56 -24.51 18.99
C CYS C 61 0.86 -24.31 19.50
N ILE C 62 1.13 -23.17 20.13
CA ILE C 62 2.48 -22.91 20.65
C ILE C 62 2.83 -23.92 21.73
N ASN C 63 1.93 -24.12 22.69
CA ASN C 63 2.19 -25.08 23.76
C ASN C 63 2.40 -26.49 23.19
N TYR C 64 1.59 -26.88 22.21
CA TYR C 64 1.82 -28.17 21.56
C TYR C 64 3.16 -28.19 20.83
N SER C 65 3.50 -27.11 20.15
CA SER C 65 4.80 -27.04 19.50
C SER C 65 5.93 -27.18 20.50
N ASP C 66 5.77 -26.52 21.64
CA ASP C 66 6.78 -26.55 22.73
C ASP C 66 6.89 -27.96 23.32
N TYR C 67 5.82 -28.73 23.31
CA TYR C 67 5.84 -30.09 23.89
C TYR C 67 6.51 -31.04 22.90
N LYS C 68 6.39 -30.77 21.61
CA LYS C 68 7.02 -31.66 20.60
C LYS C 68 8.52 -31.39 20.58
N LYS C 69 8.93 -30.13 20.69
CA LYS C 69 10.35 -29.78 20.72
C LYS C 69 11.03 -30.36 21.95
N THR C 70 10.43 -30.16 23.13
CA THR C 70 10.97 -30.70 24.37
C THR C 70 11.10 -32.20 24.31
N LEU C 71 10.18 -32.85 23.59
CA LEU C 71 10.22 -34.31 23.48
C LEU C 71 11.30 -34.78 22.51
N ILE C 72 11.54 -34.03 21.44
CA ILE C 72 12.69 -34.32 20.59
C ILE C 72 13.99 -34.23 21.39
N LYS C 73 14.14 -33.23 22.24
CA LYS C 73 15.39 -33.14 22.98
C LYS C 73 15.54 -34.31 23.95
N TYR C 74 14.40 -34.73 24.50
CA TYR C 74 14.38 -35.85 25.47
C TYR C 74 14.88 -37.12 24.77
N ARG C 75 14.40 -37.40 23.56
CA ARG C 75 14.93 -38.57 22.87
C ARG C 75 16.45 -38.45 22.64
N GLU C 76 16.97 -37.26 22.30
CA GLU C 76 18.41 -37.15 22.11
C GLU C 76 19.16 -37.45 23.40
N LEU C 77 18.65 -36.95 24.53
CA LEU C 77 19.21 -37.34 25.82
C LEU C 77 19.04 -38.83 26.08
N GLN C 78 17.94 -39.42 25.61
CA GLN C 78 17.70 -40.84 25.81
C GLN C 78 18.71 -41.67 25.04
N LYS C 79 19.00 -41.29 23.79
CA LYS C 79 20.08 -41.93 23.04
C LYS C 79 21.36 -41.94 23.85
N LYS C 80 21.77 -40.77 24.35
CA LYS C 80 22.99 -40.70 25.12
C LYS C 80 22.95 -41.66 26.27
N PHE C 81 21.86 -41.63 27.03
CA PHE C 81 21.79 -42.39 28.27
C PHE C 81 21.95 -43.88 27.99
N GLU C 82 21.16 -44.41 27.06
CA GLU C 82 21.21 -45.85 26.83
C GLU C 82 22.57 -46.28 26.31
N SER C 83 23.26 -45.38 25.58
CA SER C 83 24.59 -45.63 25.02
C SER C 83 25.70 -45.46 26.05
N GLY C 84 25.39 -45.46 27.33
CA GLY C 84 26.37 -45.31 28.39
C GLY C 84 26.51 -43.88 28.91
N ASP C 85 26.23 -42.88 28.08
CA ASP C 85 26.41 -41.48 28.49
C ASP C 85 25.51 -41.18 29.68
N LYS C 86 26.19 -40.89 30.76
CA LYS C 86 25.65 -41.01 32.09
C LYS C 86 25.44 -39.66 32.74
N SER C 87 25.90 -38.59 32.07
CA SER C 87 25.80 -37.20 32.46
C SER C 87 24.43 -36.58 32.25
N VAL C 88 23.60 -37.15 31.35
CA VAL C 88 22.36 -36.48 30.96
C VAL C 88 21.17 -36.84 31.84
N GLU C 89 21.35 -37.69 32.84
CA GLU C 89 20.20 -38.23 33.58
C GLU C 89 19.40 -37.12 34.26
N GLU C 90 20.07 -36.11 34.80
CA GLU C 90 19.32 -35.05 35.47
C GLU C 90 18.74 -34.04 34.48
N LYS C 91 19.41 -33.77 33.35
CA LYS C 91 18.74 -33.01 32.29
C LYS C 91 17.54 -33.77 31.75
N MET C 92 17.55 -35.09 31.88
CA MET C 92 16.37 -35.86 31.48
C MET C 92 15.22 -35.69 32.45
N ASN C 93 15.48 -35.68 33.76
CA ASN C 93 14.37 -35.46 34.70
C ASN C 93 13.79 -34.07 34.42
N GLU C 94 14.62 -33.04 34.46
CA GLU C 94 14.17 -31.67 34.23
C GLU C 94 13.37 -31.56 32.93
N CYS C 95 13.95 -32.07 31.84
CA CYS C 95 13.33 -31.96 30.52
C CYS C 95 11.93 -32.54 30.54
N HIS C 96 11.72 -33.52 31.42
CA HIS C 96 10.43 -34.16 31.53
C HIS C 96 9.39 -33.28 32.23
N LYS C 97 9.68 -32.65 33.39
CA LYS C 97 8.58 -31.87 33.99
C LYS C 97 8.26 -30.65 33.13
N ILE C 98 9.12 -30.33 32.17
CA ILE C 98 8.87 -29.17 31.30
C ILE C 98 7.85 -29.65 30.28
N LEU C 99 8.09 -30.86 29.79
CA LEU C 99 7.25 -31.56 28.80
C LEU C 99 5.81 -31.59 29.29
N ASN C 100 5.55 -31.93 30.52
CA ASN C 100 4.18 -32.03 30.92
C ASN C 100 3.58 -30.66 31.20
N SER C 101 4.34 -29.73 31.75
CA SER C 101 3.77 -28.42 31.94
C SER C 101 3.17 -27.89 30.63
N HIS C 102 3.90 -28.05 29.53
CA HIS C 102 3.40 -27.62 28.22
C HIS C 102 2.13 -28.38 27.85
N TYR C 103 2.11 -29.69 28.07
CA TYR C 103 0.93 -30.49 27.74
C TYR C 103 -0.28 -30.03 28.53
N ILE C 104 -0.07 -29.70 29.81
CA ILE C 104 -1.18 -29.24 30.63
C ILE C 104 -1.68 -27.89 30.15
N GLU C 105 -0.78 -27.01 29.74
CA GLU C 105 -1.21 -25.75 29.18
C GLU C 105 -2.02 -25.96 27.91
N MET C 106 -1.55 -26.88 27.05
CA MET C 106 -2.25 -27.18 25.81
C MET C 106 -3.68 -27.62 26.09
N GLN C 107 -3.86 -28.54 27.03
CA GLN C 107 -5.19 -29.05 27.36
C GLN C 107 -6.08 -27.96 27.94
N LYS C 108 -5.51 -27.11 28.82
CA LYS C 108 -6.20 -25.92 29.33
C LYS C 108 -6.65 -25.01 28.19
N ASN C 109 -5.79 -24.83 27.18
CA ASN C 109 -6.14 -24.01 26.02
C ASN C 109 -7.19 -24.69 25.16
N LEU C 110 -7.00 -25.97 24.85
CA LEU C 110 -7.99 -26.69 24.07
C LEU C 110 -9.33 -26.75 24.79
N GLY C 111 -9.30 -26.87 26.11
CA GLY C 111 -10.53 -26.86 26.89
C GLY C 111 -11.31 -25.55 26.76
N ASN C 112 -10.61 -24.45 26.49
CA ASN C 112 -11.27 -23.16 26.28
C ASN C 112 -11.90 -23.04 24.90
N LEU C 113 -11.81 -24.07 24.06
CA LEU C 113 -12.37 -23.98 22.71
C LEU C 113 -13.50 -24.98 22.54
N ILE D 1 11.58 -25.74 -17.13
CA ILE D 1 11.10 -24.95 -16.00
C ILE D 1 12.08 -23.87 -15.53
N GLY D 2 13.38 -24.14 -15.59
CA GLY D 2 14.38 -23.16 -15.22
C GLY D 2 14.80 -22.17 -16.31
N ASP D 3 13.91 -21.24 -16.65
CA ASP D 3 14.17 -20.22 -17.71
C ASP D 3 14.99 -19.07 -17.11
N GLY D 4 15.57 -18.25 -17.98
CA GLY D 4 16.47 -17.17 -17.61
C GLY D 4 15.91 -16.27 -16.52
N LEU D 5 14.62 -15.89 -16.61
CA LEU D 5 14.11 -14.93 -15.64
C LEU D 5 12.92 -15.38 -14.80
N SER D 6 12.15 -16.38 -15.21
CA SER D 6 10.99 -16.76 -14.39
C SER D 6 11.43 -17.24 -13.01
N LEU D 7 10.60 -16.92 -12.02
CA LEU D 7 10.69 -17.38 -10.64
C LEU D 7 11.92 -16.86 -9.91
N ILE D 8 12.63 -15.91 -10.46
CA ILE D 8 13.64 -15.25 -9.64
C ILE D 8 12.89 -14.29 -8.71
N SER D 9 13.44 -14.05 -7.53
CA SER D 9 12.77 -13.18 -6.56
C SER D 9 13.71 -12.10 -6.09
N ILE D 10 13.13 -10.98 -5.67
CA ILE D 10 13.87 -9.84 -5.13
C ILE D 10 13.39 -9.58 -3.72
N ILE D 11 14.32 -9.43 -2.80
CA ILE D 11 14.04 -9.18 -1.39
C ILE D 11 14.30 -7.72 -1.11
N ASP D 12 13.31 -7.03 -0.55
CA ASP D 12 13.45 -5.60 -0.31
C ASP D 12 14.42 -5.30 0.84
N GLU D 13 14.38 -6.09 1.91
CA GLU D 13 15.06 -5.71 3.17
C GLU D 13 16.43 -6.35 3.21
N VAL D 14 17.47 -5.54 3.11
CA VAL D 14 18.84 -6.05 3.16
C VAL D 14 19.24 -6.15 4.62
N GLY D 15 19.95 -7.22 4.97
CA GLY D 15 20.40 -7.38 6.34
C GLY D 15 21.52 -8.39 6.47
N ASN D 16 22.27 -8.28 7.55
CA ASN D 16 23.30 -9.27 7.77
C ASN D 16 22.67 -10.58 8.24
N GLY D 17 23.37 -11.65 8.03
CA GLY D 17 22.84 -12.83 8.67
C GLY D 17 22.28 -13.83 7.69
N GLU D 18 22.25 -15.08 8.11
CA GLU D 18 21.88 -16.20 7.27
C GLU D 18 20.39 -16.45 7.42
N TYR D 19 19.67 -16.53 6.30
CA TYR D 19 18.26 -16.88 6.36
C TYR D 19 18.09 -18.31 5.84
N TRP D 20 17.80 -19.21 6.77
CA TRP D 20 17.69 -20.63 6.50
C TRP D 20 16.25 -21.03 6.22
N SER D 21 16.09 -22.06 5.39
CA SER D 21 14.78 -22.54 5.00
C SER D 21 14.04 -23.10 6.22
N ALA D 22 12.77 -23.41 6.01
CA ALA D 22 11.90 -23.87 7.09
C ALA D 22 12.46 -25.11 7.78
N ALA D 23 12.92 -26.09 6.99
CA ALA D 23 13.40 -27.35 7.56
C ALA D 23 14.79 -27.26 8.16
N GLY D 24 15.53 -26.17 7.91
CA GLY D 24 16.85 -26.00 8.45
C GLY D 24 17.99 -26.50 7.59
N ASP D 25 17.67 -27.14 6.46
CA ASP D 25 18.67 -27.79 5.61
C ASP D 25 19.19 -26.89 4.48
N ILE D 26 18.38 -26.01 3.92
CA ILE D 26 18.81 -25.15 2.82
C ILE D 26 19.04 -23.73 3.34
N LEU D 27 20.16 -23.14 2.93
CA LEU D 27 20.42 -21.72 3.17
C LEU D 27 19.81 -20.92 2.02
N LEU D 28 18.69 -20.25 2.30
CA LEU D 28 18.02 -19.47 1.27
C LEU D 28 18.90 -18.31 0.81
N PHE D 29 19.43 -17.54 1.76
CA PHE D 29 20.20 -16.36 1.40
C PHE D 29 20.86 -15.79 2.65
N ALA D 30 21.99 -15.13 2.45
CA ALA D 30 22.79 -14.60 3.54
C ALA D 30 23.60 -13.43 3.01
N ALA D 31 24.39 -12.81 3.89
CA ALA D 31 25.41 -11.85 3.51
C ALA D 31 24.85 -10.75 2.60
N GLY D 32 23.64 -10.28 2.92
CA GLY D 32 23.08 -9.19 2.14
C GLY D 32 22.82 -9.52 0.70
N LYS D 33 22.75 -10.81 0.37
CA LYS D 33 22.20 -11.25 -0.90
C LYS D 33 20.76 -10.78 -0.99
N THR D 34 20.39 -10.14 -2.10
CA THR D 34 19.03 -9.62 -2.28
C THR D 34 18.28 -10.22 -3.46
N LYS D 35 18.91 -11.06 -4.28
CA LYS D 35 18.25 -11.67 -5.43
C LYS D 35 18.33 -13.19 -5.31
N LEU D 36 17.16 -13.84 -5.19
CA LEU D 36 17.06 -15.30 -5.11
C LEU D 36 17.05 -15.95 -6.49
N SER D 37 17.62 -17.15 -6.55
CA SER D 37 17.49 -17.96 -7.75
C SER D 37 16.07 -18.48 -7.85
N PRO D 38 15.66 -18.96 -9.02
CA PRO D 38 14.37 -19.68 -9.07
C PRO D 38 14.28 -20.82 -8.10
N TYR D 39 15.38 -21.56 -7.90
CA TYR D 39 15.34 -22.70 -6.99
C TYR D 39 15.09 -22.26 -5.55
N MET D 40 15.76 -21.18 -5.11
CA MET D 40 15.56 -20.70 -3.75
C MET D 40 14.13 -20.17 -3.55
N THR D 41 13.60 -19.50 -4.58
CA THR D 41 12.22 -19.00 -4.55
C THR D 41 11.22 -20.12 -4.30
N VAL D 42 11.37 -21.24 -5.01
CA VAL D 42 10.41 -22.32 -4.85
C VAL D 42 10.48 -22.89 -3.44
N ILE D 43 11.67 -22.92 -2.84
CA ILE D 43 11.79 -23.44 -1.48
C ILE D 43 11.22 -22.47 -0.47
N SER D 44 11.47 -21.18 -0.65
CA SER D 44 10.91 -20.19 0.27
C SER D 44 9.38 -20.25 0.26
N LEU D 45 8.79 -20.23 -0.94
CA LEU D 45 7.33 -20.21 -1.04
C LEU D 45 6.70 -21.56 -0.76
N GLY D 46 7.40 -22.65 -1.06
CA GLY D 46 6.86 -23.98 -0.78
C GLY D 46 5.85 -24.49 -1.78
N THR D 47 4.89 -23.66 -2.15
CA THR D 47 3.93 -24.00 -3.18
C THR D 47 4.07 -23.04 -4.35
N TRP D 48 3.63 -23.50 -5.51
CA TRP D 48 3.59 -22.63 -6.68
C TRP D 48 2.46 -23.09 -7.57
N MET D 49 1.99 -22.19 -8.43
CA MET D 49 1.05 -22.56 -9.47
C MET D 49 1.41 -21.79 -10.72
N TYR D 50 1.36 -22.45 -11.87
CA TYR D 50 1.55 -21.78 -13.13
C TYR D 50 0.23 -21.25 -13.66
N GLU D 51 0.28 -20.00 -14.13
CA GLU D 51 -0.90 -19.34 -14.68
C GLU D 51 -1.57 -20.17 -15.76
N THR D 52 -0.79 -20.82 -16.62
CA THR D 52 -1.38 -21.69 -17.62
C THR D 52 -2.07 -22.91 -16.99
N ASP D 53 -1.53 -23.42 -15.89
CA ASP D 53 -2.24 -24.47 -15.17
C ASP D 53 -3.49 -23.92 -14.50
N LEU D 54 -3.40 -22.73 -13.91
CA LEU D 54 -4.57 -22.12 -13.31
C LEU D 54 -5.68 -21.93 -14.34
N MET D 55 -5.32 -21.65 -15.60
CA MET D 55 -6.36 -21.41 -16.60
C MET D 55 -7.07 -22.70 -17.01
N GLN D 56 -6.35 -23.82 -17.11
CA GLN D 56 -7.07 -25.08 -17.32
C GLN D 56 -7.97 -25.41 -16.14
N TRP D 57 -7.48 -25.18 -14.92
CA TRP D 57 -8.33 -25.37 -13.75
C TRP D 57 -9.56 -24.48 -13.84
N ARG D 58 -9.35 -23.22 -14.21
CA ARG D 58 -10.42 -22.24 -14.30
C ARG D 58 -11.46 -22.65 -15.34
N LEU D 59 -11.01 -23.12 -16.50
CA LEU D 59 -11.93 -23.59 -17.53
C LEU D 59 -12.71 -24.82 -17.05
N ALA D 60 -12.00 -25.79 -16.49
CA ALA D 60 -12.65 -27.00 -16.00
C ALA D 60 -13.72 -26.67 -14.95
N CYS D 61 -13.41 -25.74 -14.04
CA CYS D 61 -14.39 -25.38 -13.01
C CYS D 61 -15.61 -24.71 -13.62
N ILE D 62 -15.42 -23.82 -14.59
CA ILE D 62 -16.57 -23.17 -15.22
C ILE D 62 -17.44 -24.19 -15.93
N ASN D 63 -16.82 -25.03 -16.77
CA ASN D 63 -17.55 -26.10 -17.45
C ASN D 63 -18.30 -26.96 -16.45
N TYR D 64 -17.67 -27.27 -15.32
CA TYR D 64 -18.30 -28.09 -14.29
C TYR D 64 -19.47 -27.37 -13.64
N SER D 65 -19.29 -26.09 -13.30
CA SER D 65 -20.37 -25.32 -12.72
C SER D 65 -21.56 -25.25 -13.67
N ASP D 66 -21.29 -25.01 -14.96
CA ASP D 66 -22.37 -25.00 -15.94
C ASP D 66 -23.10 -26.33 -16.00
N TYR D 67 -22.36 -27.44 -16.00
CA TYR D 67 -23.05 -28.72 -16.02
C TYR D 67 -23.84 -28.96 -14.74
N LYS D 68 -23.40 -28.43 -13.61
CA LYS D 68 -24.23 -28.52 -12.43
C LYS D 68 -25.52 -27.70 -12.56
N LYS D 69 -25.43 -26.47 -13.10
CA LYS D 69 -26.62 -25.63 -13.22
C LYS D 69 -27.60 -26.19 -14.24
N THR D 70 -27.12 -26.52 -15.44
CA THR D 70 -27.99 -27.13 -16.43
C THR D 70 -28.47 -28.50 -16.01
N LEU D 71 -27.85 -29.11 -14.99
CA LEU D 71 -28.31 -30.37 -14.42
C LEU D 71 -29.57 -30.20 -13.61
N ILE D 72 -29.65 -29.19 -12.73
CA ILE D 72 -30.81 -29.11 -11.85
C ILE D 72 -32.08 -29.04 -12.66
N LYS D 73 -32.00 -28.53 -13.86
CA LYS D 73 -33.21 -28.52 -14.66
C LYS D 73 -33.64 -29.94 -14.94
N TYR D 74 -32.77 -30.70 -15.60
CA TYR D 74 -33.12 -32.05 -15.97
C TYR D 74 -33.30 -32.87 -14.75
N ARG D 75 -32.77 -32.41 -13.64
CA ARG D 75 -33.01 -33.12 -12.41
C ARG D 75 -34.36 -32.69 -11.94
N GLU D 76 -35.26 -32.47 -12.90
CA GLU D 76 -36.61 -32.06 -12.58
C GLU D 76 -37.40 -32.10 -13.87
N CYS D 95 -31.55 -31.93 -22.48
CA CYS D 95 -30.39 -31.05 -22.40
C CYS D 95 -29.11 -31.87 -22.45
N HIS D 96 -29.26 -33.14 -22.86
CA HIS D 96 -28.15 -34.06 -22.95
C HIS D 96 -26.93 -33.45 -23.58
N LYS D 97 -27.10 -32.91 -24.80
CA LYS D 97 -25.96 -32.42 -25.54
C LYS D 97 -25.27 -31.31 -24.78
N ILE D 98 -26.03 -30.45 -24.09
CA ILE D 98 -25.43 -29.47 -23.19
C ILE D 98 -24.60 -30.18 -22.12
N LEU D 99 -25.29 -31.03 -21.35
CA LEU D 99 -24.67 -31.76 -20.21
C LEU D 99 -23.43 -32.50 -20.71
N ASN D 100 -23.59 -33.26 -21.78
CA ASN D 100 -22.43 -34.02 -22.29
C ASN D 100 -21.44 -33.05 -22.93
N SER D 101 -21.93 -31.95 -23.51
CA SER D 101 -21.04 -30.94 -24.09
C SER D 101 -20.20 -30.35 -22.96
N HIS D 102 -20.85 -30.05 -21.84
CA HIS D 102 -20.17 -29.47 -20.66
C HIS D 102 -19.10 -30.47 -20.16
N TYR D 103 -19.49 -31.70 -19.85
CA TYR D 103 -18.49 -32.69 -19.35
C TYR D 103 -17.34 -32.87 -20.36
N ILE D 104 -17.63 -32.91 -21.65
CA ILE D 104 -16.52 -33.13 -22.63
C ILE D 104 -15.51 -32.00 -22.50
N GLU D 105 -16.00 -30.76 -22.42
CA GLU D 105 -15.08 -29.60 -22.30
C GLU D 105 -14.35 -29.70 -20.97
N MET D 106 -15.00 -30.29 -19.96
CA MET D 106 -14.34 -30.45 -18.67
C MET D 106 -13.13 -31.41 -18.74
N GLN D 107 -13.28 -32.62 -19.33
CA GLN D 107 -12.07 -33.46 -19.45
C GLN D 107 -11.02 -32.75 -20.28
N LYS D 108 -11.46 -32.05 -21.31
CA LYS D 108 -10.50 -31.43 -22.21
C LYS D 108 -9.54 -30.57 -21.41
N ASN D 109 -10.05 -29.89 -20.39
CA ASN D 109 -9.18 -29.15 -19.48
C ASN D 109 -8.50 -30.08 -18.48
N LEU D 110 -9.26 -31.01 -17.89
CA LEU D 110 -8.70 -31.91 -16.87
C LEU D 110 -7.55 -32.76 -17.44
N GLY D 111 -7.73 -33.29 -18.65
CA GLY D 111 -6.64 -34.02 -19.27
C GLY D 111 -5.41 -33.15 -19.48
N ASN D 112 -5.60 -31.82 -19.55
CA ASN D 112 -4.51 -30.87 -19.66
C ASN D 112 -3.97 -30.40 -18.32
N LEU D 113 -4.49 -30.92 -17.21
CA LEU D 113 -3.89 -30.66 -15.90
C LEU D 113 -2.80 -31.71 -15.62
#